data_1Q8J
#
_entry.id   1Q8J
#
_cell.length_a   59.980
_cell.length_b   86.070
_cell.length_c   125.820
_cell.angle_alpha   90.00
_cell.angle_beta   100.30
_cell.angle_gamma   90.00
#
_symmetry.space_group_name_H-M   'P 1 21 1'
#
loop_
_entity.id
_entity.type
_entity.pdbx_description
1 polymer '5-methyltetrahydrofolate S-homocysteine methyltransferase'
2 non-polymer 'CADMIUM ION'
3 non-polymer '2-AMINO-4-MERCAPTO-BUTYRIC ACID'
4 non-polymer '5-METHYL-5,6,7,8-TETRAHYDROFOLIC ACID'
5 water water
#
_entity_poly.entity_id   1
_entity_poly.type   'polypeptide(L)'
_entity_poly.pdbx_seq_one_letter_code
;MRNRREVSKLLSERVLLLDGAYGTEFMKYGYDDLPEELNIKAPDVVLKVHRSYIESGSDVILTNTFGATRMKLRKHGLED
KLDPIVRNAVRIARRAAGEKLVFGDIGPTGELPYPLGSTLFEEFYENFRETVEIMVEEGVDGIIFETFSDILELKAAVLA
AREVSRDVFLIAHMTFDEKGRSLTGTDPANFAITFDELDIDALGINCSLGPEEILPIFQELSQYTDKFLVVEPNAGKPIV
ENGKTVYPLKPHDFAVHIDSYYELGVNIFGGCCGTTPEHVKLFRKVLGNRKPLQRKKKRIFAVSSPSKLVTFDHFVVIGE
RINPAGRKKLWAEMQKGNEEIVIKEAKTQVEKGAEVLDVNFGIESQIDVRYVEKIVQTLPYVSNVPLSLDIQNVDLTERA
LRAYPGRSLFNSAKVDEEELEMKINLLKKYGGTLIVLLMGKDVPKSFEERKEYFEKALKILERHDFSDRVIFDPGVLPLG
AEGKPVEVLKTIEFISSKGFNTTVGLSNLSFGLPDRSYYNTAFLVLGISKGLSSAIMNPLDETLMKTLNATLVILEKKEL
PRAEVK
;
_entity_poly.pdbx_strand_id   A,B
#
loop_
_chem_comp.id
_chem_comp.type
_chem_comp.name
_chem_comp.formula
C2F non-polymer '5-METHYL-5,6,7,8-TETRAHYDROFOLIC ACID' 'C20 H25 N7 O6'
CD non-polymer 'CADMIUM ION' 'Cd 2'
#
# COMPACT_ATOMS: atom_id res chain seq x y z
N MET A 1 2.22 43.98 -43.57
CA MET A 1 1.94 45.41 -43.18
C MET A 1 1.84 45.57 -41.69
N ARG A 2 0.95 44.79 -41.08
CA ARG A 2 0.75 44.85 -39.64
C ARG A 2 1.31 43.60 -38.98
N ASN A 3 1.94 43.78 -37.81
CA ASN A 3 2.52 42.68 -37.08
C ASN A 3 1.54 42.11 -36.10
N ARG A 4 1.93 41.03 -35.46
CA ARG A 4 1.04 40.37 -34.51
C ARG A 4 0.61 41.22 -33.30
N ARG A 5 1.44 42.16 -32.86
CA ARG A 5 1.03 42.97 -31.70
C ARG A 5 -0.11 43.91 -32.10
N GLU A 6 0.00 44.48 -33.30
CA GLU A 6 -1.00 45.38 -33.83
C GLU A 6 -2.31 44.66 -34.14
N VAL A 7 -2.24 43.48 -34.75
CA VAL A 7 -3.45 42.75 -35.03
C VAL A 7 -4.11 42.38 -33.69
N SER A 8 -3.30 41.99 -32.71
CA SER A 8 -3.81 41.62 -31.38
C SER A 8 -4.53 42.81 -30.71
N LYS A 9 -3.98 44.00 -30.89
CA LYS A 9 -4.58 45.22 -30.30
C LYS A 9 -5.94 45.45 -30.93
N LEU A 10 -6.00 45.36 -32.25
CA LEU A 10 -7.26 45.55 -32.99
C LEU A 10 -8.29 44.50 -32.53
N LEU A 11 -7.87 43.25 -32.40
CA LEU A 11 -8.78 42.21 -31.94
C LEU A 11 -9.25 42.45 -30.51
N SER A 12 -8.37 42.97 -29.66
CA SER A 12 -8.79 43.20 -28.28
C SER A 12 -9.89 44.27 -28.22
N GLU A 13 -9.94 45.13 -29.23
CA GLU A 13 -10.94 46.20 -29.28
C GLU A 13 -12.21 45.84 -30.02
N ARG A 14 -12.11 45.00 -31.05
CA ARG A 14 -13.34 44.62 -31.73
C ARG A 14 -13.31 43.30 -32.47
N VAL A 15 -14.47 42.65 -32.47
CA VAL A 15 -14.65 41.37 -33.17
C VAL A 15 -14.61 41.67 -34.66
N LEU A 16 -13.78 40.95 -35.42
CA LEU A 16 -13.68 41.23 -36.83
C LEU A 16 -14.48 40.24 -37.68
N LEU A 17 -14.81 40.68 -38.88
CA LEU A 17 -15.57 39.89 -39.83
C LEU A 17 -14.64 39.35 -40.91
N LEU A 18 -14.53 38.03 -41.03
CA LEU A 18 -13.69 37.48 -42.10
C LEU A 18 -14.49 37.46 -43.42
N ASP A 19 -14.06 36.67 -44.41
CA ASP A 19 -14.79 36.63 -45.68
C ASP A 19 -15.53 35.30 -45.85
N GLY A 20 -16.04 35.05 -47.05
CA GLY A 20 -16.79 33.82 -47.31
C GLY A 20 -15.91 32.83 -48.07
N ALA A 21 -16.53 31.91 -48.81
CA ALA A 21 -15.81 30.89 -49.59
C ALA A 21 -15.26 31.41 -50.91
N TYR A 22 -14.18 30.76 -51.39
CA TYR A 22 -13.62 31.09 -52.68
C TYR A 22 -13.83 29.86 -53.61
N GLY A 23 -13.46 28.68 -53.15
CA GLY A 23 -13.63 27.46 -53.92
C GLY A 23 -15.07 27.30 -54.38
N THR A 24 -16.00 27.30 -53.44
CA THR A 24 -17.40 27.17 -53.84
C THR A 24 -17.99 28.36 -54.62
N GLU A 25 -17.22 29.45 -54.81
CA GLU A 25 -17.71 30.63 -55.56
C GLU A 25 -17.25 30.70 -57.01
N PHE A 26 -15.99 30.39 -57.25
CA PHE A 26 -15.46 30.47 -58.60
C PHE A 26 -16.34 29.83 -59.70
N MET A 27 -17.02 28.75 -59.37
CA MET A 27 -17.87 28.07 -60.34
C MET A 27 -19.06 28.94 -60.83
N LYS A 28 -19.58 29.79 -59.95
CA LYS A 28 -20.71 30.63 -60.32
C LYS A 28 -20.30 31.67 -61.35
N TYR A 29 -18.99 31.84 -61.54
CA TYR A 29 -18.48 32.80 -62.51
C TYR A 29 -18.05 32.10 -63.80
N GLY A 30 -18.31 30.80 -63.88
CA GLY A 30 -17.95 30.04 -65.08
C GLY A 30 -16.54 29.49 -65.06
N TYR A 31 -15.94 29.43 -63.87
CA TYR A 31 -14.60 28.91 -63.72
C TYR A 31 -14.52 27.74 -62.75
N ASP A 32 -14.40 26.53 -63.29
CA ASP A 32 -14.29 25.37 -62.42
C ASP A 32 -12.88 24.81 -62.31
N ASP A 33 -11.90 25.58 -62.75
CA ASP A 33 -10.50 25.17 -62.65
C ASP A 33 -10.09 25.14 -61.16
N LEU A 34 -8.89 24.63 -60.90
CA LEU A 34 -8.34 24.57 -59.55
C LEU A 34 -8.17 26.05 -59.11
N PRO A 35 -8.74 26.42 -57.95
CA PRO A 35 -8.63 27.80 -57.49
C PRO A 35 -7.26 28.50 -57.63
N GLU A 36 -6.19 27.85 -57.17
CA GLU A 36 -4.87 28.47 -57.25
C GLU A 36 -4.41 28.83 -58.64
N GLU A 37 -4.85 28.09 -59.64
CA GLU A 37 -4.44 28.36 -61.02
C GLU A 37 -4.98 29.72 -61.52
N LEU A 38 -6.16 30.11 -61.06
CA LEU A 38 -6.75 31.38 -61.48
C LEU A 38 -5.88 32.57 -61.16
N ASN A 39 -5.02 32.43 -60.16
CA ASN A 39 -4.13 33.52 -59.79
C ASN A 39 -3.21 33.87 -60.94
N ILE A 40 -3.07 32.93 -61.86
CA ILE A 40 -2.24 33.19 -63.00
C ILE A 40 -3.09 33.19 -64.27
N LYS A 41 -4.06 32.29 -64.35
CA LYS A 41 -4.91 32.21 -65.55
C LYS A 41 -6.00 33.27 -65.66
N ALA A 42 -6.66 33.60 -64.56
CA ALA A 42 -7.72 34.61 -64.60
C ALA A 42 -7.65 35.45 -63.35
N PRO A 43 -6.57 36.21 -63.16
CA PRO A 43 -6.54 37.00 -61.94
C PRO A 43 -7.77 37.89 -61.76
N ASP A 44 -8.41 38.24 -62.86
CA ASP A 44 -9.59 39.09 -62.77
C ASP A 44 -10.69 38.43 -61.95
N VAL A 45 -10.89 37.12 -62.10
CA VAL A 45 -11.92 36.45 -61.33
C VAL A 45 -11.56 36.48 -59.84
N VAL A 46 -10.29 36.25 -59.51
CA VAL A 46 -9.86 36.27 -58.09
C VAL A 46 -10.15 37.66 -57.51
N LEU A 47 -9.75 38.71 -58.22
CA LEU A 47 -9.98 40.07 -57.76
C LEU A 47 -11.47 40.36 -57.50
N LYS A 48 -12.35 39.92 -58.41
CA LYS A 48 -13.82 40.12 -58.26
C LYS A 48 -14.37 39.48 -56.99
N VAL A 49 -13.97 38.25 -56.73
CA VAL A 49 -14.46 37.55 -55.54
C VAL A 49 -13.97 38.23 -54.27
N HIS A 50 -12.71 38.66 -54.25
CA HIS A 50 -12.20 39.38 -53.07
C HIS A 50 -13.03 40.68 -52.88
N ARG A 51 -13.23 41.44 -53.95
CA ARG A 51 -14.00 42.69 -53.86
C ARG A 51 -15.45 42.47 -53.42
N SER A 52 -16.02 41.33 -53.79
CA SER A 52 -17.39 41.05 -53.38
C SER A 52 -17.44 40.90 -51.86
N TYR A 53 -16.35 40.42 -51.25
CA TYR A 53 -16.36 40.31 -49.79
C TYR A 53 -16.02 41.64 -49.15
N ILE A 54 -15.07 42.39 -49.71
CA ILE A 54 -14.73 43.69 -49.13
C ILE A 54 -15.99 44.59 -49.22
N GLU A 55 -16.70 44.49 -50.33
CA GLU A 55 -17.90 45.29 -50.52
C GLU A 55 -19.05 44.79 -49.64
N SER A 56 -18.90 43.60 -49.04
CA SER A 56 -19.92 43.07 -48.15
C SER A 56 -19.58 43.39 -46.70
N GLY A 57 -18.45 44.07 -46.50
CA GLY A 57 -18.08 44.44 -45.13
C GLY A 57 -16.97 43.69 -44.40
N SER A 58 -16.32 42.74 -45.08
CA SER A 58 -15.25 41.98 -44.40
C SER A 58 -14.11 42.90 -43.93
N ASP A 59 -13.59 42.65 -42.72
CA ASP A 59 -12.46 43.38 -42.14
C ASP A 59 -11.16 42.67 -42.53
N VAL A 60 -11.27 41.41 -42.94
CA VAL A 60 -10.11 40.57 -43.31
C VAL A 60 -10.46 39.70 -44.51
N ILE A 61 -9.54 39.54 -45.46
CA ILE A 61 -9.86 38.61 -46.53
C ILE A 61 -8.68 37.62 -46.58
N LEU A 62 -8.95 36.44 -47.13
CA LEU A 62 -7.89 35.39 -47.22
C LEU A 62 -7.28 35.35 -48.65
N THR A 63 -5.97 35.12 -48.76
CA THR A 63 -5.36 35.00 -50.08
C THR A 63 -5.85 33.67 -50.71
N ASN A 64 -5.91 33.62 -52.03
CA ASN A 64 -6.39 32.46 -52.79
C ASN A 64 -5.21 31.47 -52.94
N THR A 65 -4.76 30.96 -51.80
CA THR A 65 -3.60 30.10 -51.73
C THR A 65 -3.81 28.85 -50.90
N PHE A 66 -5.07 28.48 -50.65
CA PHE A 66 -5.36 27.33 -49.84
C PHE A 66 -4.55 26.08 -50.22
N GLY A 67 -4.42 25.78 -51.51
CA GLY A 67 -3.67 24.59 -51.90
C GLY A 67 -2.31 24.94 -52.47
N ALA A 68 -1.82 26.12 -52.13
CA ALA A 68 -0.56 26.60 -52.66
C ALA A 68 0.73 26.27 -51.89
N THR A 69 1.01 24.99 -51.77
CA THR A 69 2.28 24.55 -51.19
C THR A 69 2.82 23.53 -52.21
N ARG A 70 4.14 23.39 -52.27
CA ARG A 70 4.72 22.44 -53.20
C ARG A 70 4.12 21.03 -53.17
N MET A 71 3.98 20.44 -51.99
CA MET A 71 3.45 19.09 -51.91
C MET A 71 2.07 18.97 -52.52
N LYS A 72 1.23 19.99 -52.33
CA LYS A 72 -0.12 19.91 -52.90
C LYS A 72 -0.16 20.23 -54.40
N LEU A 73 0.57 21.27 -54.79
CA LEU A 73 0.63 21.72 -56.19
C LEU A 73 1.24 20.66 -57.09
N ARG A 74 2.18 19.90 -56.53
CA ARG A 74 2.87 18.83 -57.25
C ARG A 74 1.85 17.79 -57.70
N LYS A 75 0.75 17.68 -56.95
CA LYS A 75 -0.32 16.74 -57.29
C LYS A 75 -1.20 17.17 -58.47
N HIS A 76 -0.98 18.39 -58.97
CA HIS A 76 -1.77 18.87 -60.11
C HIS A 76 -0.82 19.41 -61.19
N GLY A 77 0.42 18.95 -61.13
CA GLY A 77 1.43 19.39 -62.08
C GLY A 77 1.69 20.89 -62.07
N LEU A 78 1.73 21.51 -60.89
CA LEU A 78 1.96 22.95 -60.78
C LEU A 78 3.03 23.33 -59.76
N GLU A 79 3.81 22.35 -59.31
CA GLU A 79 4.83 22.64 -58.33
C GLU A 79 5.78 23.77 -58.70
N ASP A 80 6.07 23.90 -60.00
CA ASP A 80 7.01 24.93 -60.44
C ASP A 80 6.40 26.31 -60.61
N LYS A 81 5.12 26.43 -60.29
CA LYS A 81 4.43 27.72 -60.40
C LYS A 81 4.15 28.28 -59.00
N LEU A 82 4.65 27.59 -57.98
CA LEU A 82 4.42 28.00 -56.59
C LEU A 82 4.67 29.47 -56.36
N ASP A 83 5.84 29.94 -56.80
CA ASP A 83 6.22 31.32 -56.57
C ASP A 83 5.27 32.37 -57.20
N PRO A 84 4.92 32.22 -58.49
CA PRO A 84 4.01 33.23 -59.06
C PRO A 84 2.59 33.08 -58.51
N ILE A 85 2.15 31.84 -58.31
CA ILE A 85 0.81 31.61 -57.76
C ILE A 85 0.65 32.35 -56.44
N VAL A 86 1.63 32.23 -55.55
CA VAL A 86 1.57 32.88 -54.23
C VAL A 86 1.83 34.38 -54.27
N ARG A 87 2.79 34.83 -55.08
CA ARG A 87 3.05 36.26 -55.14
C ARG A 87 1.88 36.98 -55.78
N ASN A 88 1.32 36.39 -56.84
CA ASN A 88 0.17 37.00 -57.51
C ASN A 88 -0.99 37.08 -56.52
N ALA A 89 -1.34 35.93 -55.91
CA ALA A 89 -2.44 35.86 -54.94
C ALA A 89 -2.39 36.97 -53.90
N VAL A 90 -1.22 37.18 -53.32
CA VAL A 90 -1.12 38.19 -52.28
C VAL A 90 -1.38 39.58 -52.87
N ARG A 91 -0.74 39.87 -54.01
CA ARG A 91 -0.91 41.16 -54.68
C ARG A 91 -2.37 41.42 -55.03
N ILE A 92 -3.03 40.42 -55.61
CA ILE A 92 -4.44 40.56 -55.95
C ILE A 92 -5.27 40.84 -54.72
N ALA A 93 -4.99 40.14 -53.61
CA ALA A 93 -5.77 40.36 -52.39
C ALA A 93 -5.44 41.74 -51.83
N ARG A 94 -4.19 42.12 -51.91
CA ARG A 94 -3.79 43.43 -51.39
C ARG A 94 -4.52 44.56 -52.16
N ARG A 95 -4.66 44.39 -53.47
CA ARG A 95 -5.31 45.43 -54.27
C ARG A 95 -6.79 45.50 -53.89
N ALA A 96 -7.41 44.36 -53.64
CA ALA A 96 -8.81 44.40 -53.25
C ALA A 96 -9.00 44.93 -51.81
N ALA A 97 -8.07 44.61 -50.91
CA ALA A 97 -8.18 44.98 -49.50
C ALA A 97 -8.07 46.45 -49.11
N GLY A 98 -7.23 47.19 -49.81
CA GLY A 98 -7.04 48.57 -49.43
C GLY A 98 -6.51 48.59 -48.00
N GLU A 99 -7.26 49.19 -47.09
CA GLU A 99 -6.84 49.29 -45.69
C GLU A 99 -7.19 48.06 -44.84
N LYS A 100 -8.01 47.17 -45.38
CA LYS A 100 -8.40 45.98 -44.63
C LYS A 100 -7.23 44.96 -44.52
N LEU A 101 -7.36 44.00 -43.60
CA LEU A 101 -6.33 42.99 -43.38
C LEU A 101 -6.37 41.87 -44.44
N VAL A 102 -5.18 41.40 -44.79
CA VAL A 102 -5.04 40.29 -45.74
C VAL A 102 -4.26 39.17 -45.01
N PHE A 103 -4.87 38.00 -44.84
CA PHE A 103 -4.19 36.89 -44.20
C PHE A 103 -3.78 35.86 -45.26
N GLY A 104 -2.55 35.36 -45.15
CA GLY A 104 -2.09 34.34 -46.08
C GLY A 104 -2.79 33.06 -45.69
N ASP A 105 -3.53 32.48 -46.63
CA ASP A 105 -4.31 31.29 -46.37
C ASP A 105 -3.55 30.01 -46.83
N ILE A 106 -3.34 29.07 -45.92
CA ILE A 106 -2.61 27.83 -46.26
C ILE A 106 -3.34 26.63 -45.71
N GLY A 107 -3.72 25.72 -46.61
CA GLY A 107 -4.42 24.52 -46.18
C GLY A 107 -3.45 23.33 -46.11
N PRO A 108 -3.95 22.15 -45.75
CA PRO A 108 -3.08 20.96 -45.65
C PRO A 108 -2.67 20.38 -47.02
N THR A 109 -1.78 19.41 -46.98
CA THR A 109 -1.27 18.82 -48.22
C THR A 109 -2.07 17.65 -48.79
N GLY A 110 -2.93 17.03 -48.00
CA GLY A 110 -3.64 15.86 -48.52
C GLY A 110 -2.80 14.60 -48.27
N GLU A 111 -1.60 14.78 -47.72
CA GLU A 111 -0.70 13.65 -47.40
C GLU A 111 -0.67 13.39 -45.90
N LEU A 112 -0.93 12.15 -45.48
CA LEU A 112 -0.92 11.80 -44.06
C LEU A 112 0.52 11.60 -43.56
N PRO A 113 0.75 11.87 -42.26
CA PRO A 113 2.11 11.68 -41.73
C PRO A 113 2.48 10.21 -41.64
N TYR A 114 3.74 9.92 -41.84
CA TYR A 114 4.20 8.54 -41.68
C TYR A 114 3.79 8.19 -40.22
N PRO A 115 3.37 6.97 -39.95
CA PRO A 115 3.21 5.74 -40.75
C PRO A 115 1.88 5.54 -41.49
N LEU A 116 0.96 6.51 -41.39
CA LEU A 116 -0.30 6.36 -42.09
C LEU A 116 0.03 6.67 -43.56
N GLY A 117 0.88 7.68 -43.74
CA GLY A 117 1.32 8.08 -45.06
C GLY A 117 2.82 7.82 -45.08
N SER A 118 3.54 8.50 -45.96
CA SER A 118 4.99 8.33 -46.06
C SER A 118 5.77 9.60 -45.68
N THR A 119 5.07 10.64 -45.26
CA THR A 119 5.75 11.90 -44.97
C THR A 119 6.23 12.05 -43.56
N LEU A 120 7.49 12.48 -43.42
CA LEU A 120 8.08 12.73 -42.09
C LEU A 120 7.89 14.23 -41.75
N PHE A 121 7.87 14.52 -40.46
CA PHE A 121 7.69 15.89 -39.99
C PHE A 121 8.55 16.89 -40.76
N GLU A 122 9.83 16.57 -40.92
CA GLU A 122 10.77 17.46 -41.56
C GLU A 122 10.36 17.87 -42.97
N GLU A 123 9.73 16.96 -43.74
CA GLU A 123 9.31 17.32 -45.09
C GLU A 123 8.10 18.29 -45.04
N PHE A 124 7.19 18.04 -44.12
CA PHE A 124 5.98 18.92 -43.97
C PHE A 124 6.50 20.31 -43.63
N TYR A 125 7.43 20.36 -42.68
CA TYR A 125 8.01 21.62 -42.23
C TYR A 125 8.55 22.46 -43.37
N GLU A 126 9.44 21.87 -44.18
CA GLU A 126 10.05 22.58 -45.28
C GLU A 126 9.01 23.05 -46.30
N ASN A 127 8.02 22.20 -46.54
CA ASN A 127 6.92 22.50 -47.45
C ASN A 127 6.19 23.79 -47.03
N PHE A 128 5.82 23.87 -45.76
CA PHE A 128 5.08 25.05 -45.28
C PHE A 128 6.00 26.28 -45.19
N ARG A 129 7.26 26.06 -44.86
CA ARG A 129 8.23 27.13 -44.73
C ARG A 129 8.34 27.92 -46.03
N GLU A 130 8.39 27.22 -47.16
CA GLU A 130 8.56 27.90 -48.43
C GLU A 130 7.39 28.80 -48.80
N THR A 131 6.16 28.33 -48.58
CA THR A 131 5.01 29.17 -48.86
C THR A 131 4.96 30.37 -47.90
N VAL A 132 5.18 30.16 -46.61
CA VAL A 132 5.16 31.29 -45.66
C VAL A 132 6.18 32.35 -46.06
N GLU A 133 7.40 31.92 -46.47
CA GLU A 133 8.46 32.84 -46.91
C GLU A 133 7.97 33.86 -47.94
N ILE A 134 7.32 33.35 -48.96
CA ILE A 134 6.79 34.17 -50.03
C ILE A 134 5.74 35.15 -49.50
N MET A 135 4.83 34.63 -48.67
CA MET A 135 3.74 35.45 -48.12
C MET A 135 4.29 36.59 -47.28
N VAL A 136 5.25 36.28 -46.42
CA VAL A 136 5.86 37.28 -45.55
C VAL A 136 6.57 38.32 -46.42
N GLU A 137 7.22 37.87 -47.49
CA GLU A 137 7.92 38.82 -48.35
C GLU A 137 6.97 39.76 -49.05
N GLU A 138 5.80 39.24 -49.40
CA GLU A 138 4.78 40.01 -50.11
C GLU A 138 3.91 40.89 -49.21
N GLY A 139 4.15 40.81 -47.91
CA GLY A 139 3.44 41.65 -46.96
C GLY A 139 2.04 41.27 -46.48
N VAL A 140 1.89 40.13 -45.84
CA VAL A 140 0.58 39.77 -45.33
C VAL A 140 0.46 40.26 -43.91
N ASP A 141 -0.78 40.42 -43.44
CA ASP A 141 -1.06 40.87 -42.08
C ASP A 141 -1.22 39.70 -41.13
N GLY A 142 -1.05 38.48 -41.64
CA GLY A 142 -1.18 37.29 -40.81
C GLY A 142 -1.16 36.04 -41.68
N ILE A 143 -1.05 34.88 -41.04
CA ILE A 143 -1.06 33.59 -41.72
C ILE A 143 -2.10 32.73 -41.03
N ILE A 144 -2.98 32.10 -41.80
CA ILE A 144 -3.98 31.25 -41.18
C ILE A 144 -3.91 29.84 -41.79
N PHE A 145 -3.71 28.83 -40.95
CA PHE A 145 -3.66 27.45 -41.46
C PHE A 145 -5.06 26.91 -41.30
N GLU A 146 -5.76 26.84 -42.42
CA GLU A 146 -7.16 26.41 -42.47
C GLU A 146 -7.38 24.93 -42.75
N THR A 147 -8.45 24.39 -42.17
CA THR A 147 -8.89 23.01 -42.46
C THR A 147 -7.91 21.87 -42.19
N PHE A 148 -7.11 21.96 -41.13
CA PHE A 148 -6.19 20.88 -40.87
C PHE A 148 -6.88 19.69 -40.20
N SER A 149 -6.47 18.48 -40.62
CA SER A 149 -7.02 17.25 -40.10
C SER A 149 -6.06 16.47 -39.22
N ASP A 150 -4.77 16.82 -39.25
CA ASP A 150 -3.82 16.10 -38.43
C ASP A 150 -2.92 17.03 -37.60
N ILE A 151 -2.75 16.75 -36.31
CA ILE A 151 -1.96 17.65 -35.45
C ILE A 151 -0.48 17.67 -35.74
N LEU A 152 0.09 16.58 -36.25
CA LEU A 152 1.51 16.63 -36.57
C LEU A 152 1.73 17.55 -37.77
N GLU A 153 0.90 17.42 -38.80
CA GLU A 153 1.06 18.28 -39.98
C GLU A 153 0.86 19.78 -39.61
N LEU A 154 -0.09 20.03 -38.72
CA LEU A 154 -0.38 21.41 -38.32
C LEU A 154 0.77 21.97 -37.44
N LYS A 155 1.33 21.12 -36.59
CA LYS A 155 2.44 21.53 -35.75
C LYS A 155 3.64 21.90 -36.66
N ALA A 156 3.87 21.12 -37.72
CA ALA A 156 4.96 21.42 -38.66
C ALA A 156 4.66 22.77 -39.35
N ALA A 157 3.42 22.97 -39.76
CA ALA A 157 3.06 24.23 -40.37
C ALA A 157 3.34 25.44 -39.46
N VAL A 158 2.85 25.39 -38.21
CA VAL A 158 3.01 26.54 -37.30
C VAL A 158 4.46 26.77 -36.90
N LEU A 159 5.22 25.70 -36.67
CA LEU A 159 6.62 25.85 -36.31
C LEU A 159 7.39 26.43 -37.51
N ALA A 160 7.12 25.94 -38.72
CA ALA A 160 7.79 26.51 -39.90
C ALA A 160 7.48 27.99 -40.07
N ALA A 161 6.21 28.36 -39.86
CA ALA A 161 5.84 29.75 -40.01
C ALA A 161 6.52 30.67 -39.00
N ARG A 162 6.53 30.27 -37.75
CA ARG A 162 7.10 31.06 -36.66
C ARG A 162 8.61 31.23 -36.88
N GLU A 163 9.25 30.19 -37.44
CA GLU A 163 10.67 30.23 -37.75
C GLU A 163 10.92 31.26 -38.88
N VAL A 164 10.01 31.40 -39.84
CA VAL A 164 10.20 32.43 -40.90
C VAL A 164 10.04 33.83 -40.31
N SER A 165 9.05 33.99 -39.43
CA SER A 165 8.80 35.29 -38.83
C SER A 165 8.23 35.22 -37.42
N ARG A 166 8.93 35.84 -36.48
CA ARG A 166 8.43 35.86 -35.11
C ARG A 166 7.39 36.97 -34.98
N ASP A 167 7.20 37.74 -36.05
CA ASP A 167 6.27 38.86 -35.92
C ASP A 167 4.91 38.76 -36.60
N VAL A 168 4.73 37.75 -37.43
CA VAL A 168 3.47 37.61 -38.13
C VAL A 168 2.40 36.96 -37.22
N PHE A 169 1.18 37.48 -37.28
CA PHE A 169 0.08 36.97 -36.47
C PHE A 169 -0.24 35.60 -37.07
N LEU A 170 -0.23 34.55 -36.25
CA LEU A 170 -0.49 33.18 -36.73
C LEU A 170 -1.74 32.54 -36.15
N ILE A 171 -2.55 31.97 -37.04
CA ILE A 171 -3.78 31.34 -36.64
C ILE A 171 -3.78 29.88 -37.09
N ALA A 172 -4.12 28.98 -36.16
CA ALA A 172 -4.16 27.57 -36.46
C ALA A 172 -5.58 27.04 -36.33
N HIS A 173 -6.05 26.35 -37.38
CA HIS A 173 -7.36 25.74 -37.38
C HIS A 173 -7.31 24.25 -37.63
N MET A 174 -8.25 23.53 -37.03
CA MET A 174 -8.43 22.12 -37.34
C MET A 174 -9.92 22.05 -37.79
N THR A 175 -10.28 21.05 -38.58
CA THR A 175 -11.69 20.89 -38.94
C THR A 175 -12.10 19.58 -38.22
N PHE A 176 -13.32 19.56 -37.68
CA PHE A 176 -13.77 18.40 -36.92
C PHE A 176 -15.05 17.80 -37.51
N ASP A 177 -15.21 16.48 -37.36
CA ASP A 177 -16.41 15.82 -37.87
C ASP A 177 -17.55 15.97 -36.88
N GLU A 178 -18.68 15.36 -37.22
CA GLU A 178 -19.88 15.43 -36.39
C GLU A 178 -19.63 14.95 -34.96
N LYS A 179 -18.74 13.97 -34.80
CA LYS A 179 -18.43 13.46 -33.47
C LYS A 179 -17.37 14.34 -32.76
N GLY A 180 -16.99 15.45 -33.38
CA GLY A 180 -16.02 16.32 -32.74
C GLY A 180 -14.60 15.78 -32.76
N ARG A 181 -14.22 15.11 -33.83
CA ARG A 181 -12.88 14.53 -33.97
C ARG A 181 -12.28 14.85 -35.32
N SER A 182 -10.97 15.13 -35.36
CA SER A 182 -10.31 15.38 -36.65
C SER A 182 -10.05 13.97 -37.25
N LEU A 183 -9.60 13.94 -38.49
CA LEU A 183 -9.30 12.67 -39.22
C LEU A 183 -8.41 11.69 -38.45
N THR A 184 -7.34 12.17 -37.80
CA THR A 184 -6.47 11.29 -37.03
C THR A 184 -6.78 11.17 -35.55
N GLY A 185 -8.00 11.62 -35.19
CA GLY A 185 -8.56 11.45 -33.85
C GLY A 185 -8.51 12.50 -32.76
N THR A 186 -8.10 13.70 -33.12
CA THR A 186 -7.95 14.75 -32.14
C THR A 186 -9.26 15.48 -31.82
N ASP A 187 -9.60 15.61 -30.54
CA ASP A 187 -10.82 16.33 -30.17
C ASP A 187 -10.47 17.78 -29.84
N PRO A 188 -11.48 18.66 -29.71
CA PRO A 188 -11.22 20.08 -29.42
C PRO A 188 -10.34 20.38 -28.19
N ALA A 189 -10.53 19.65 -27.08
CA ALA A 189 -9.73 19.90 -25.88
C ALA A 189 -8.23 19.56 -26.13
N ASN A 190 -8.00 18.44 -26.81
CA ASN A 190 -6.67 17.98 -27.16
C ASN A 190 -6.00 19.06 -28.06
N PHE A 191 -6.70 19.50 -29.11
CA PHE A 191 -6.19 20.54 -30.03
C PHE A 191 -5.81 21.80 -29.21
N ALA A 192 -6.74 22.27 -28.38
CA ALA A 192 -6.50 23.45 -27.54
C ALA A 192 -5.30 23.29 -26.60
N ILE A 193 -5.24 22.19 -25.86
CA ILE A 193 -4.18 21.98 -24.89
C ILE A 193 -2.82 21.80 -25.57
N THR A 194 -2.82 21.16 -26.72
CA THR A 194 -1.58 20.95 -27.46
C THR A 194 -1.07 22.26 -28.08
N PHE A 195 -1.95 23.01 -28.73
CA PHE A 195 -1.56 24.21 -29.43
C PHE A 195 -1.55 25.51 -28.66
N ASP A 196 -2.28 25.58 -27.56
CA ASP A 196 -2.33 26.80 -26.73
C ASP A 196 -0.93 27.21 -26.29
N GLU A 197 -0.07 26.24 -26.00
CA GLU A 197 1.27 26.60 -25.54
C GLU A 197 2.33 26.88 -26.61
N LEU A 198 2.00 26.67 -27.87
CA LEU A 198 2.93 27.00 -28.95
C LEU A 198 2.78 28.50 -29.23
N ASP A 199 3.77 29.07 -29.90
CA ASP A 199 3.76 30.50 -30.14
C ASP A 199 2.82 30.98 -31.23
N ILE A 200 1.55 30.59 -31.15
CA ILE A 200 0.60 31.03 -32.17
C ILE A 200 -0.22 32.10 -31.50
N ASP A 201 -0.98 32.84 -32.30
CA ASP A 201 -1.76 33.92 -31.75
C ASP A 201 -3.22 33.61 -31.58
N ALA A 202 -3.71 32.65 -32.36
CA ALA A 202 -5.13 32.36 -32.31
C ALA A 202 -5.37 30.92 -32.72
N LEU A 203 -6.48 30.34 -32.25
CA LEU A 203 -6.89 28.99 -32.63
C LEU A 203 -8.31 29.09 -33.17
N GLY A 204 -8.71 28.10 -33.98
CA GLY A 204 -10.04 28.21 -34.52
C GLY A 204 -10.47 26.92 -35.21
N ILE A 205 -11.67 26.99 -35.73
CA ILE A 205 -12.29 25.85 -36.43
C ILE A 205 -12.95 26.32 -37.72
N ASN A 206 -12.80 25.56 -38.81
CA ASN A 206 -13.49 25.93 -40.02
C ASN A 206 -13.87 24.66 -40.78
N CYS A 207 -14.88 24.79 -41.64
CA CYS A 207 -15.31 23.70 -42.53
C CYS A 207 -15.93 22.48 -41.86
N SER A 208 -16.26 21.50 -42.69
CA SER A 208 -16.86 20.23 -42.28
C SER A 208 -18.27 20.25 -41.75
N LEU A 209 -18.64 21.28 -41.00
CA LEU A 209 -19.96 21.33 -40.38
C LEU A 209 -20.53 22.74 -40.47
N GLY A 210 -21.83 22.84 -40.21
CA GLY A 210 -22.51 24.12 -40.23
C GLY A 210 -22.38 24.82 -38.90
N PRO A 211 -22.90 26.06 -38.75
CA PRO A 211 -22.80 26.81 -37.49
C PRO A 211 -23.45 26.19 -36.27
N GLU A 212 -24.52 25.44 -36.48
CA GLU A 212 -25.22 24.81 -35.36
C GLU A 212 -24.37 23.69 -34.76
N GLU A 213 -23.85 22.84 -35.64
CA GLU A 213 -23.03 21.70 -35.21
C GLU A 213 -21.68 22.10 -34.61
N ILE A 214 -21.05 23.14 -35.16
CA ILE A 214 -19.75 23.58 -34.64
C ILE A 214 -19.84 24.19 -33.25
N LEU A 215 -21.00 24.73 -32.87
CA LEU A 215 -21.11 25.37 -31.56
C LEU A 215 -20.56 24.64 -30.33
N PRO A 216 -20.96 23.38 -30.04
CA PRO A 216 -20.40 22.75 -28.84
C PRO A 216 -18.92 22.39 -28.99
N ILE A 217 -18.48 22.21 -30.23
CA ILE A 217 -17.07 21.88 -30.52
C ILE A 217 -16.24 23.15 -30.25
N PHE A 218 -16.73 24.29 -30.74
CA PHE A 218 -16.10 25.57 -30.51
C PHE A 218 -16.12 25.90 -29.01
N GLN A 219 -17.20 25.53 -28.32
CA GLN A 219 -17.29 25.77 -26.87
C GLN A 219 -16.19 25.01 -26.13
N GLU A 220 -16.01 23.73 -26.47
CA GLU A 220 -14.96 22.94 -25.83
C GLU A 220 -13.59 23.59 -26.07
N LEU A 221 -13.33 24.00 -27.31
CA LEU A 221 -12.06 24.65 -27.65
C LEU A 221 -11.88 25.93 -26.84
N SER A 222 -12.92 26.74 -26.76
CA SER A 222 -12.81 28.00 -26.05
C SER A 222 -12.50 27.82 -24.58
N GLN A 223 -12.91 26.71 -23.99
CA GLN A 223 -12.67 26.51 -22.57
C GLN A 223 -11.22 26.16 -22.23
N TYR A 224 -10.45 25.72 -23.22
CA TYR A 224 -9.09 25.32 -22.94
C TYR A 224 -7.97 26.20 -23.50
N THR A 225 -8.32 27.36 -24.02
CA THR A 225 -7.32 28.29 -24.50
C THR A 225 -7.70 29.74 -24.21
N ASP A 226 -6.70 30.58 -24.03
CA ASP A 226 -6.94 32.00 -23.80
C ASP A 226 -6.42 32.76 -25.01
N LYS A 227 -6.08 32.05 -26.08
CA LYS A 227 -5.59 32.72 -27.27
C LYS A 227 -6.83 33.29 -27.99
N PHE A 228 -6.61 34.09 -29.03
CA PHE A 228 -7.75 34.63 -29.79
C PHE A 228 -8.44 33.44 -30.49
N LEU A 229 -9.74 33.58 -30.76
CA LEU A 229 -10.55 32.50 -31.39
C LEU A 229 -11.17 32.92 -32.71
N VAL A 230 -11.21 31.97 -33.66
CA VAL A 230 -11.74 32.25 -34.98
C VAL A 230 -12.68 31.08 -35.36
N VAL A 231 -13.71 31.35 -36.14
CA VAL A 231 -14.61 30.28 -36.57
C VAL A 231 -15.10 30.61 -37.99
N GLU A 232 -15.22 29.60 -38.86
CA GLU A 232 -15.71 29.76 -40.19
C GLU A 232 -16.52 28.51 -40.53
N PRO A 233 -17.81 28.45 -40.15
CA PRO A 233 -18.62 27.27 -40.46
C PRO A 233 -18.96 27.24 -41.92
N ASN A 234 -19.32 26.03 -42.40
CA ASN A 234 -19.80 25.85 -43.76
C ASN A 234 -21.25 26.36 -43.69
N ALA A 235 -21.82 26.76 -44.81
CA ALA A 235 -23.21 27.22 -44.83
C ALA A 235 -24.09 25.97 -44.76
N GLY A 236 -24.16 25.37 -43.59
CA GLY A 236 -24.93 24.16 -43.38
C GLY A 236 -24.20 22.93 -43.87
N LYS A 237 -24.70 21.75 -43.54
CA LYS A 237 -24.06 20.53 -44.03
C LYS A 237 -24.34 20.39 -45.52
N PRO A 238 -23.37 19.89 -46.29
CA PRO A 238 -23.57 19.73 -47.74
C PRO A 238 -24.51 18.58 -48.09
N ILE A 239 -25.44 18.84 -49.00
CA ILE A 239 -26.42 17.84 -49.43
C ILE A 239 -26.45 17.81 -50.95
N VAL A 240 -26.92 16.70 -51.50
CA VAL A 240 -26.99 16.56 -52.94
C VAL A 240 -28.41 16.79 -53.47
N GLU A 241 -28.51 17.57 -54.54
CA GLU A 241 -29.81 17.86 -55.15
C GLU A 241 -29.90 17.18 -56.51
N ASN A 242 -29.02 17.59 -57.41
CA ASN A 242 -29.01 17.01 -58.74
C ASN A 242 -27.60 16.63 -59.16
N GLY A 243 -27.06 15.62 -58.48
CA GLY A 243 -25.72 15.15 -58.78
C GLY A 243 -24.63 16.00 -58.15
N LYS A 244 -24.92 17.29 -57.95
CA LYS A 244 -23.93 18.19 -57.35
C LYS A 244 -24.14 18.36 -55.86
N THR A 245 -23.17 18.98 -55.22
CA THR A 245 -23.27 19.23 -53.79
C THR A 245 -23.64 20.68 -53.52
N VAL A 246 -24.54 20.89 -52.56
CA VAL A 246 -24.97 22.23 -52.20
C VAL A 246 -25.00 22.44 -50.70
N TYR A 247 -24.75 23.68 -50.31
CA TYR A 247 -24.74 24.13 -48.92
C TYR A 247 -26.02 24.96 -48.86
N PRO A 248 -27.07 24.42 -48.25
CA PRO A 248 -28.41 25.00 -48.09
C PRO A 248 -28.72 26.07 -47.05
N LEU A 249 -27.80 26.37 -46.16
CA LEU A 249 -28.09 27.35 -45.12
C LEU A 249 -28.10 28.78 -45.67
N LYS A 250 -29.24 29.45 -45.54
CA LYS A 250 -29.41 30.82 -46.05
C LYS A 250 -28.82 31.88 -45.11
N PRO A 251 -28.60 33.11 -45.61
CA PRO A 251 -28.03 34.15 -44.75
C PRO A 251 -28.59 34.25 -43.35
N HIS A 252 -29.91 34.49 -43.22
CA HIS A 252 -30.53 34.61 -41.90
C HIS A 252 -30.30 33.43 -40.97
N ASP A 253 -30.52 32.21 -41.43
CA ASP A 253 -30.34 31.06 -40.56
C ASP A 253 -28.87 30.92 -40.14
N PHE A 254 -27.96 31.43 -40.94
CA PHE A 254 -26.53 31.35 -40.61
C PHE A 254 -26.27 32.47 -39.60
N ALA A 255 -26.60 33.70 -40.00
CA ALA A 255 -26.39 34.90 -39.17
C ALA A 255 -26.92 34.84 -37.75
N VAL A 256 -28.04 34.16 -37.53
CA VAL A 256 -28.61 34.10 -36.19
C VAL A 256 -27.69 33.46 -35.17
N HIS A 257 -26.69 32.70 -35.65
CA HIS A 257 -25.76 32.06 -34.73
C HIS A 257 -24.63 32.94 -34.24
N ILE A 258 -24.46 34.11 -34.86
CA ILE A 258 -23.35 34.98 -34.47
C ILE A 258 -23.32 35.29 -33.00
N ASP A 259 -24.47 35.61 -32.40
CA ASP A 259 -24.52 35.93 -30.98
C ASP A 259 -23.99 34.82 -30.09
N SER A 260 -24.37 33.59 -30.40
CA SER A 260 -23.93 32.46 -29.60
C SER A 260 -22.41 32.29 -29.71
N TYR A 261 -21.83 32.58 -30.88
CA TYR A 261 -20.36 32.49 -30.97
C TYR A 261 -19.73 33.64 -30.22
N TYR A 262 -20.41 34.79 -30.23
CA TYR A 262 -19.90 35.95 -29.52
C TYR A 262 -19.84 35.66 -28.00
N GLU A 263 -20.83 34.96 -27.49
CA GLU A 263 -20.92 34.61 -26.07
C GLU A 263 -19.78 33.68 -25.65
N LEU A 264 -19.29 32.87 -26.57
CA LEU A 264 -18.20 31.93 -26.28
C LEU A 264 -16.83 32.54 -26.52
N GLY A 265 -16.77 33.86 -26.72
CA GLY A 265 -15.49 34.55 -26.89
C GLY A 265 -14.85 34.70 -28.27
N VAL A 266 -15.59 34.44 -29.34
CA VAL A 266 -15.05 34.55 -30.70
C VAL A 266 -14.50 35.93 -30.99
N ASN A 267 -13.37 35.94 -31.71
CA ASN A 267 -12.69 37.17 -32.08
C ASN A 267 -12.77 37.51 -33.55
N ILE A 268 -12.91 36.47 -34.38
CA ILE A 268 -13.05 36.69 -35.80
C ILE A 268 -14.06 35.66 -36.29
N PHE A 269 -15.04 36.15 -37.02
CA PHE A 269 -16.13 35.32 -37.54
C PHE A 269 -16.20 35.42 -39.06
N GLY A 270 -16.34 34.27 -39.70
CA GLY A 270 -16.45 34.28 -41.13
C GLY A 270 -17.17 33.00 -41.54
N GLY A 271 -17.12 32.68 -42.83
CA GLY A 271 -17.77 31.45 -43.28
C GLY A 271 -16.84 30.69 -44.23
N CYS A 272 -16.98 29.36 -44.30
CA CYS A 272 -16.17 28.56 -45.21
C CYS A 272 -17.09 28.11 -46.39
N CYS A 273 -16.77 26.98 -47.01
CA CYS A 273 -17.53 26.46 -48.14
C CYS A 273 -19.07 26.74 -48.10
N GLY A 274 -19.60 27.30 -49.17
CA GLY A 274 -21.03 27.54 -49.27
C GLY A 274 -21.45 28.95 -48.89
N THR A 275 -20.56 29.64 -48.20
CA THR A 275 -20.82 31.02 -47.75
C THR A 275 -20.63 31.91 -48.95
N THR A 276 -21.56 32.85 -49.14
CA THR A 276 -21.50 33.77 -50.28
C THR A 276 -21.44 35.23 -49.82
N PRO A 277 -21.25 36.17 -50.75
CA PRO A 277 -21.19 37.61 -50.40
C PRO A 277 -22.49 38.00 -49.70
N GLU A 278 -23.59 37.39 -50.10
CA GLU A 278 -24.89 37.69 -49.50
C GLU A 278 -24.87 37.30 -48.00
N HIS A 279 -24.25 36.17 -47.65
CA HIS A 279 -24.17 35.79 -46.23
C HIS A 279 -23.33 36.85 -45.47
N VAL A 280 -22.19 37.19 -46.05
CA VAL A 280 -21.26 38.15 -45.41
C VAL A 280 -21.93 39.52 -45.18
N LYS A 281 -22.71 39.97 -46.15
CA LYS A 281 -23.42 41.25 -46.05
C LYS A 281 -24.31 41.24 -44.81
N LEU A 282 -25.02 40.14 -44.59
CA LEU A 282 -25.87 40.03 -43.43
C LEU A 282 -25.07 39.88 -42.13
N PHE A 283 -23.95 39.15 -42.17
CA PHE A 283 -23.11 38.97 -40.98
C PHE A 283 -22.64 40.35 -40.54
N ARG A 284 -22.25 41.18 -41.49
CA ARG A 284 -21.76 42.54 -41.17
C ARG A 284 -22.87 43.32 -40.40
N LYS A 285 -24.09 43.29 -40.91
CA LYS A 285 -25.20 44.00 -40.22
C LYS A 285 -25.47 43.46 -38.80
N VAL A 286 -25.50 42.13 -38.68
CA VAL A 286 -25.76 41.47 -37.40
C VAL A 286 -24.63 41.60 -36.39
N LEU A 287 -23.39 41.45 -36.85
CA LEU A 287 -22.26 41.53 -35.94
C LEU A 287 -22.10 42.94 -35.39
N GLY A 288 -22.18 43.91 -36.29
CA GLY A 288 -22.04 45.31 -35.88
C GLY A 288 -20.66 45.55 -35.29
N ASN A 289 -20.59 46.44 -34.29
CA ASN A 289 -19.33 46.77 -33.62
C ASN A 289 -19.40 46.27 -32.18
N ARG A 290 -18.63 45.23 -31.86
CA ARG A 290 -18.67 44.68 -30.51
C ARG A 290 -17.28 44.45 -29.98
N LYS A 291 -17.10 44.65 -28.68
CA LYS A 291 -15.80 44.40 -28.06
C LYS A 291 -15.82 42.91 -27.69
N PRO A 292 -14.73 42.16 -27.96
CA PRO A 292 -14.79 40.73 -27.59
C PRO A 292 -14.96 40.47 -26.10
N LEU A 293 -15.47 39.30 -25.75
CA LEU A 293 -15.67 38.93 -24.35
C LEU A 293 -14.40 38.31 -23.77
N GLN A 294 -14.31 38.24 -22.44
CA GLN A 294 -13.16 37.64 -21.77
C GLN A 294 -13.52 36.26 -21.26
N ARG A 295 -12.51 35.42 -21.05
CA ARG A 295 -12.79 34.08 -20.56
C ARG A 295 -11.67 33.38 -19.78
N LYS A 296 -10.41 33.66 -20.09
CA LYS A 296 -9.30 32.96 -19.42
C LYS A 296 -9.27 31.51 -19.95
N LYS A 297 -9.28 30.51 -19.06
CA LYS A 297 -9.26 29.09 -19.47
C LYS A 297 -9.20 28.08 -18.31
N LYS A 298 -9.64 26.84 -18.56
CA LYS A 298 -9.59 25.76 -17.56
C LYS A 298 -8.14 25.29 -17.51
N ARG A 299 -7.64 24.96 -16.33
CA ARG A 299 -6.26 24.50 -16.18
C ARG A 299 -6.28 23.01 -15.95
N ILE A 300 -5.46 22.29 -16.70
CA ILE A 300 -5.42 20.83 -16.57
C ILE A 300 -4.01 20.35 -16.88
N PHE A 301 -3.58 19.26 -16.26
CA PHE A 301 -2.27 18.70 -16.51
C PHE A 301 -2.56 17.47 -17.36
N ALA A 302 -2.20 17.53 -18.63
CA ALA A 302 -2.48 16.42 -19.53
C ALA A 302 -1.39 16.30 -20.59
N VAL A 303 -1.22 15.09 -21.15
CA VAL A 303 -0.29 14.89 -22.26
C VAL A 303 -1.13 14.23 -23.36
N SER A 304 -0.66 14.30 -24.61
CA SER A 304 -1.46 13.78 -25.72
C SER A 304 -0.76 13.14 -26.91
N SER A 305 -1.56 12.37 -27.64
CA SER A 305 -1.17 11.75 -28.89
C SER A 305 -2.29 12.32 -29.82
N PRO A 306 -2.26 12.00 -31.11
CA PRO A 306 -3.29 12.51 -32.00
C PRO A 306 -4.70 12.06 -31.58
N SER A 307 -4.83 10.84 -31.07
CA SER A 307 -6.14 10.33 -30.67
C SER A 307 -6.44 10.26 -29.19
N LYS A 308 -5.48 10.55 -28.33
CA LYS A 308 -5.72 10.40 -26.91
C LYS A 308 -5.21 11.54 -26.07
N LEU A 309 -6.05 11.97 -25.14
CA LEU A 309 -5.69 13.01 -24.21
C LEU A 309 -5.66 12.31 -22.86
N VAL A 310 -4.50 12.27 -22.22
CA VAL A 310 -4.40 11.60 -20.92
C VAL A 310 -4.25 12.66 -19.84
N THR A 311 -5.27 12.77 -19.00
CA THR A 311 -5.29 13.76 -17.93
C THR A 311 -4.86 13.10 -16.66
N PHE A 312 -4.02 13.77 -15.88
CA PHE A 312 -3.53 13.18 -14.64
C PHE A 312 -4.52 13.39 -13.48
N ASP A 313 -5.70 12.82 -13.62
CA ASP A 313 -6.68 12.94 -12.55
C ASP A 313 -7.03 11.54 -12.03
N HIS A 314 -6.17 10.59 -12.37
CA HIS A 314 -6.36 9.19 -11.99
C HIS A 314 -4.95 8.60 -12.13
N PHE A 315 -4.71 7.39 -11.58
CA PHE A 315 -3.38 6.80 -11.68
C PHE A 315 -2.98 6.46 -13.10
N VAL A 316 -1.88 7.04 -13.56
CA VAL A 316 -1.42 6.84 -14.92
C VAL A 316 -0.29 5.81 -15.03
N VAL A 317 -0.53 4.71 -15.77
CA VAL A 317 0.48 3.68 -15.97
C VAL A 317 1.36 4.07 -17.17
N ILE A 318 2.65 4.26 -16.90
CA ILE A 318 3.59 4.62 -17.94
C ILE A 318 4.45 3.39 -18.21
N GLY A 319 4.22 2.73 -19.36
CA GLY A 319 5.00 1.54 -19.69
C GLY A 319 6.50 1.78 -19.79
N GLU A 320 7.29 1.00 -19.06
CA GLU A 320 8.75 1.18 -19.04
C GLU A 320 9.54 0.42 -20.10
N ARG A 321 8.89 -0.55 -20.74
CA ARG A 321 9.56 -1.49 -21.64
C ARG A 321 10.38 -1.10 -22.86
N ILE A 322 10.07 0.01 -23.52
CA ILE A 322 10.88 0.41 -24.65
C ILE A 322 12.09 1.09 -24.03
N ASN A 323 13.04 0.25 -23.61
CA ASN A 323 14.24 0.71 -22.93
C ASN A 323 15.19 -0.49 -23.11
N PRO A 324 16.23 -0.35 -23.95
CA PRO A 324 17.21 -1.39 -24.25
C PRO A 324 18.11 -1.93 -23.13
N ALA A 325 18.26 -1.17 -22.05
CA ALA A 325 19.10 -1.58 -20.92
C ALA A 325 18.82 -3.01 -20.48
N GLY A 326 19.84 -3.86 -20.57
CA GLY A 326 19.71 -5.25 -20.17
C GLY A 326 18.79 -6.04 -21.06
N ARG A 327 18.67 -5.62 -22.32
CA ARG A 327 17.80 -6.32 -23.26
C ARG A 327 18.49 -6.53 -24.61
N LYS A 328 19.23 -7.64 -24.70
CA LYS A 328 19.99 -8.01 -25.90
C LYS A 328 19.23 -7.92 -27.21
N LYS A 329 18.12 -8.64 -27.32
CA LYS A 329 17.35 -8.63 -28.55
C LYS A 329 16.91 -7.21 -28.92
N LEU A 330 16.28 -6.52 -27.99
CA LEU A 330 15.81 -5.16 -28.26
C LEU A 330 16.91 -4.19 -28.63
N TRP A 331 17.97 -4.16 -27.82
CA TRP A 331 19.09 -3.27 -28.07
C TRP A 331 19.74 -3.50 -29.42
N ALA A 332 19.85 -4.75 -29.83
CA ALA A 332 20.48 -5.09 -31.11
C ALA A 332 19.65 -4.51 -32.25
N GLU A 333 18.36 -4.80 -32.21
CA GLU A 333 17.44 -4.35 -33.21
C GLU A 333 17.38 -2.83 -33.32
N MET A 334 17.49 -2.11 -32.19
CA MET A 334 17.46 -0.65 -32.21
C MET A 334 18.61 -0.09 -33.02
N GLN A 335 19.79 -0.69 -32.86
CA GLN A 335 20.96 -0.25 -33.59
C GLN A 335 20.82 -0.51 -35.08
N LYS A 336 19.99 -1.50 -35.43
CA LYS A 336 19.73 -1.84 -36.83
C LYS A 336 18.57 -1.03 -37.42
N GLY A 337 18.01 -0.10 -36.62
CA GLY A 337 16.92 0.73 -37.09
C GLY A 337 15.61 -0.04 -37.22
N ASN A 338 15.45 -1.07 -36.40
CA ASN A 338 14.26 -1.91 -36.43
C ASN A 338 13.08 -1.17 -35.82
N GLU A 339 12.04 -0.93 -36.61
CA GLU A 339 10.85 -0.24 -36.14
C GLU A 339 9.76 -1.16 -35.60
N GLU A 340 9.42 -2.22 -36.34
CA GLU A 340 8.35 -3.11 -35.89
C GLU A 340 8.55 -3.76 -34.53
N ILE A 341 9.79 -3.96 -34.11
CA ILE A 341 10.02 -4.58 -32.82
C ILE A 341 9.63 -3.58 -31.72
N VAL A 342 9.95 -2.30 -31.93
CA VAL A 342 9.58 -1.30 -30.92
C VAL A 342 8.08 -1.09 -30.98
N ILE A 343 7.50 -1.18 -32.18
CA ILE A 343 6.06 -1.02 -32.35
C ILE A 343 5.32 -2.15 -31.63
N LYS A 344 5.89 -3.36 -31.68
CA LYS A 344 5.30 -4.52 -31.01
C LYS A 344 5.29 -4.30 -29.49
N GLU A 345 6.42 -3.86 -28.94
CA GLU A 345 6.49 -3.63 -27.50
C GLU A 345 5.53 -2.50 -27.08
N ALA A 346 5.35 -1.52 -27.94
CA ALA A 346 4.47 -0.40 -27.64
C ALA A 346 3.05 -0.92 -27.55
N LYS A 347 2.61 -1.60 -28.61
CA LYS A 347 1.24 -2.13 -28.67
C LYS A 347 0.90 -3.11 -27.55
N THR A 348 1.83 -4.02 -27.26
CA THR A 348 1.60 -4.99 -26.20
C THR A 348 1.43 -4.29 -24.85
N GLN A 349 2.28 -3.30 -24.54
CA GLN A 349 2.13 -2.59 -23.26
C GLN A 349 0.79 -1.89 -23.17
N VAL A 350 0.34 -1.27 -24.27
CA VAL A 350 -0.93 -0.57 -24.25
C VAL A 350 -2.08 -1.58 -24.06
N GLU A 351 -1.98 -2.71 -24.75
CA GLU A 351 -3.02 -3.72 -24.63
C GLU A 351 -3.14 -4.14 -23.15
N LYS A 352 -1.99 -4.18 -22.47
CA LYS A 352 -1.96 -4.56 -21.06
C LYS A 352 -2.30 -3.44 -20.06
N GLY A 353 -2.59 -2.23 -20.54
CA GLY A 353 -2.97 -1.18 -19.60
C GLY A 353 -2.15 0.10 -19.54
N ALA A 354 -1.00 0.12 -20.21
CA ALA A 354 -0.19 1.34 -20.23
C ALA A 354 -0.97 2.47 -20.93
N GLU A 355 -1.04 3.65 -20.30
CA GLU A 355 -1.74 4.80 -20.89
C GLU A 355 -0.77 5.77 -21.55
N VAL A 356 0.51 5.63 -21.22
CA VAL A 356 1.59 6.47 -21.77
C VAL A 356 2.77 5.53 -21.90
N LEU A 357 3.66 5.74 -22.87
CA LEU A 357 4.82 4.86 -23.02
C LEU A 357 6.14 5.61 -22.89
N ASP A 358 7.02 5.13 -22.00
CA ASP A 358 8.33 5.74 -21.87
C ASP A 358 9.12 5.22 -23.09
N VAL A 359 9.96 6.06 -23.67
CA VAL A 359 10.72 5.66 -24.86
C VAL A 359 12.14 6.07 -24.66
N ASN A 360 13.04 5.09 -24.58
CA ASN A 360 14.45 5.39 -24.33
C ASN A 360 15.30 4.64 -25.36
N PHE A 361 16.40 5.24 -25.80
CA PHE A 361 17.20 4.59 -26.82
C PHE A 361 18.58 4.13 -26.38
N GLY A 362 18.73 3.82 -25.09
CA GLY A 362 20.01 3.37 -24.56
C GLY A 362 21.18 4.31 -24.78
N ILE A 363 22.28 3.78 -25.31
CA ILE A 363 23.44 4.61 -25.56
C ILE A 363 23.13 5.36 -26.85
N GLU A 364 22.65 6.59 -26.69
CA GLU A 364 22.23 7.42 -27.80
C GLU A 364 23.26 7.67 -28.91
N SER A 365 24.54 7.67 -28.57
CA SER A 365 25.59 7.89 -29.57
C SER A 365 25.68 6.71 -30.54
N GLN A 366 24.96 5.64 -30.22
CA GLN A 366 24.95 4.43 -31.04
C GLN A 366 23.70 4.29 -31.87
N ILE A 367 22.80 5.26 -31.76
CA ILE A 367 21.53 5.22 -32.48
C ILE A 367 21.39 6.32 -33.51
N ASP A 368 20.79 5.97 -34.64
CA ASP A 368 20.59 6.89 -35.76
C ASP A 368 19.54 7.92 -35.36
N VAL A 369 19.90 9.20 -35.39
CA VAL A 369 18.97 10.26 -35.02
C VAL A 369 17.72 10.23 -35.89
N ARG A 370 17.88 9.74 -37.11
CA ARG A 370 16.76 9.65 -38.03
C ARG A 370 15.79 8.58 -37.52
N TYR A 371 16.34 7.54 -36.88
CA TYR A 371 15.53 6.45 -36.32
C TYR A 371 14.71 6.98 -35.11
N VAL A 372 15.34 7.80 -34.28
CA VAL A 372 14.68 8.41 -33.11
C VAL A 372 13.49 9.25 -33.62
N GLU A 373 13.79 10.12 -34.58
CA GLU A 373 12.81 11.00 -35.19
C GLU A 373 11.64 10.22 -35.77
N LYS A 374 11.92 9.07 -36.36
CA LYS A 374 10.87 8.26 -36.94
C LYS A 374 10.04 7.53 -35.87
N ILE A 375 10.71 6.98 -34.87
CA ILE A 375 10.00 6.28 -33.79
C ILE A 375 9.10 7.24 -33.00
N VAL A 376 9.58 8.43 -32.71
CA VAL A 376 8.83 9.42 -31.95
C VAL A 376 7.58 9.84 -32.74
N GLN A 377 7.72 10.01 -34.04
CA GLN A 377 6.55 10.37 -34.83
C GLN A 377 5.58 9.19 -34.96
N THR A 378 6.12 7.98 -35.07
CA THR A 378 5.28 6.80 -35.30
C THR A 378 4.45 6.19 -34.16
N LEU A 379 5.06 5.92 -33.01
CA LEU A 379 4.34 5.26 -31.91
C LEU A 379 2.99 5.88 -31.51
N PRO A 380 2.90 7.22 -31.47
CA PRO A 380 1.59 7.78 -31.09
C PRO A 380 0.43 7.39 -32.01
N TYR A 381 0.74 7.17 -33.28
CA TYR A 381 -0.27 6.76 -34.25
C TYR A 381 -0.58 5.27 -34.18
N VAL A 382 0.45 4.44 -34.12
CA VAL A 382 0.17 3.01 -34.10
C VAL A 382 -0.18 2.41 -32.74
N SER A 383 0.38 2.98 -31.67
CA SER A 383 0.12 2.51 -30.33
C SER A 383 -1.07 3.31 -29.75
N ASN A 384 -1.38 4.45 -30.38
CA ASN A 384 -2.47 5.33 -29.96
C ASN A 384 -2.22 6.24 -28.76
N VAL A 385 -1.23 5.93 -27.95
CA VAL A 385 -1.01 6.72 -26.73
C VAL A 385 0.15 7.71 -26.71
N PRO A 386 0.13 8.66 -25.75
CA PRO A 386 1.20 9.68 -25.64
C PRO A 386 2.52 9.04 -25.19
N LEU A 387 3.62 9.73 -25.42
CA LEU A 387 4.91 9.22 -24.99
C LEU A 387 5.58 10.07 -23.90
N SER A 388 6.41 9.39 -23.12
CA SER A 388 7.28 10.00 -22.13
C SER A 388 8.64 9.86 -22.88
N LEU A 389 9.22 10.97 -23.33
CA LEU A 389 10.51 10.96 -24.07
C LEU A 389 11.66 10.94 -23.08
N ASP A 390 12.26 9.75 -22.93
CA ASP A 390 13.32 9.50 -21.95
C ASP A 390 14.61 9.66 -22.76
N ILE A 391 15.03 10.91 -22.93
CA ILE A 391 16.21 11.21 -23.75
C ILE A 391 17.20 12.04 -22.99
N GLN A 392 18.49 11.74 -23.16
CA GLN A 392 19.53 12.48 -22.43
C GLN A 392 20.16 13.60 -23.25
N ASN A 393 20.67 13.28 -24.43
CA ASN A 393 21.31 14.29 -25.29
C ASN A 393 20.32 15.44 -25.57
N VAL A 394 20.74 16.65 -25.25
CA VAL A 394 19.88 17.82 -25.43
C VAL A 394 19.54 18.14 -26.87
N ASP A 395 20.47 17.87 -27.79
CA ASP A 395 20.23 18.10 -29.21
C ASP A 395 19.24 17.07 -29.72
N LEU A 396 19.35 15.85 -29.19
CA LEU A 396 18.46 14.78 -29.64
C LEU A 396 17.05 15.04 -29.09
N THR A 397 16.99 15.68 -27.93
CA THR A 397 15.75 16.02 -27.28
C THR A 397 15.02 17.03 -28.15
N GLU A 398 15.76 18.01 -28.67
CA GLU A 398 15.11 19.01 -29.49
C GLU A 398 14.52 18.37 -30.73
N ARG A 399 15.23 17.39 -31.30
CA ARG A 399 14.76 16.71 -32.50
C ARG A 399 13.47 15.95 -32.22
N ALA A 400 13.43 15.26 -31.09
CA ALA A 400 12.29 14.46 -30.70
C ALA A 400 11.09 15.36 -30.39
N LEU A 401 11.30 16.46 -29.68
CA LEU A 401 10.21 17.39 -29.34
C LEU A 401 9.61 18.05 -30.59
N ARG A 402 10.47 18.36 -31.55
CA ARG A 402 10.01 19.00 -32.79
C ARG A 402 9.05 18.15 -33.54
N ALA A 403 9.33 16.86 -33.61
CA ALA A 403 8.52 15.95 -34.39
C ALA A 403 7.48 15.14 -33.61
N TYR A 404 7.27 15.47 -32.34
CA TYR A 404 6.31 14.73 -31.54
C TYR A 404 4.90 15.17 -31.86
N PRO A 405 4.02 14.21 -32.22
CA PRO A 405 2.63 14.52 -32.58
C PRO A 405 1.71 14.67 -31.39
N GLY A 406 1.79 15.82 -30.71
CA GLY A 406 0.91 16.07 -29.57
C GLY A 406 1.70 16.80 -28.49
N ARG A 407 1.28 16.66 -27.24
CA ARG A 407 1.93 17.28 -26.08
C ARG A 407 2.61 16.18 -25.27
N SER A 408 3.93 16.07 -25.36
CA SER A 408 4.62 15.00 -24.63
C SER A 408 4.96 15.25 -23.16
N LEU A 409 5.49 14.20 -22.53
CA LEU A 409 6.00 14.27 -21.17
C LEU A 409 7.48 14.09 -21.41
N PHE A 410 8.31 15.05 -20.98
CA PHE A 410 9.71 14.85 -21.25
C PHE A 410 10.35 14.27 -20.00
N ASN A 411 11.03 13.14 -20.19
CA ASN A 411 11.56 12.45 -19.07
C ASN A 411 12.91 12.91 -18.64
N SER A 412 12.71 13.78 -17.66
CA SER A 412 13.57 14.50 -16.80
C SER A 412 14.70 15.47 -17.03
N ALA A 413 14.69 16.36 -16.06
CA ALA A 413 15.68 17.38 -15.87
C ALA A 413 15.97 17.17 -14.40
N LYS A 414 17.25 17.16 -14.03
CA LYS A 414 17.59 17.06 -12.61
C LYS A 414 17.47 18.50 -12.13
N VAL A 415 17.60 18.71 -10.82
CA VAL A 415 17.50 20.06 -10.28
C VAL A 415 18.85 20.74 -10.37
N ASP A 416 19.15 21.19 -11.58
CA ASP A 416 20.37 21.88 -11.93
C ASP A 416 19.98 23.04 -12.82
N GLU A 417 20.28 24.25 -12.35
CA GLU A 417 19.95 25.49 -13.07
C GLU A 417 20.15 25.46 -14.59
N GLU A 418 21.33 25.05 -15.03
CA GLU A 418 21.62 25.01 -16.46
C GLU A 418 20.80 23.95 -17.22
N GLU A 419 20.73 22.75 -16.67
CA GLU A 419 19.99 21.68 -17.34
C GLU A 419 18.50 22.04 -17.41
N LEU A 420 17.92 22.42 -16.28
CA LEU A 420 16.51 22.80 -16.23
C LEU A 420 16.18 23.91 -17.21
N GLU A 421 16.95 24.99 -17.20
CA GLU A 421 16.70 26.11 -18.11
C GLU A 421 16.72 25.67 -19.55
N MET A 422 17.67 24.80 -19.88
CA MET A 422 17.85 24.32 -21.23
C MET A 422 16.66 23.47 -21.70
N LYS A 423 16.16 22.63 -20.80
CA LYS A 423 15.04 21.75 -21.09
C LYS A 423 13.70 22.51 -21.06
N ILE A 424 13.60 23.48 -20.15
CA ILE A 424 12.40 24.30 -20.05
C ILE A 424 12.26 25.13 -21.32
N ASN A 425 13.38 25.63 -21.85
CA ASN A 425 13.31 26.44 -23.07
C ASN A 425 12.93 25.62 -24.29
N LEU A 426 13.39 24.38 -24.38
CA LEU A 426 12.99 23.56 -25.51
C LEU A 426 11.48 23.25 -25.40
N LEU A 427 11.00 22.98 -24.19
CA LEU A 427 9.59 22.66 -24.00
C LEU A 427 8.71 23.87 -24.29
N LYS A 428 9.17 25.06 -23.92
CA LYS A 428 8.41 26.29 -24.16
C LYS A 428 8.24 26.52 -25.65
N LYS A 429 9.25 26.13 -26.41
CA LYS A 429 9.21 26.33 -27.85
C LYS A 429 8.42 25.27 -28.60
N TYR A 430 8.52 24.02 -28.16
CA TYR A 430 7.87 22.94 -28.87
C TYR A 430 6.65 22.32 -28.15
N GLY A 431 6.39 22.80 -26.95
CA GLY A 431 5.30 22.29 -26.11
C GLY A 431 5.70 21.05 -25.31
N GLY A 432 4.92 20.70 -24.31
CA GLY A 432 5.21 19.54 -23.50
C GLY A 432 5.30 19.82 -22.00
N THR A 433 5.36 18.74 -21.24
CA THR A 433 5.47 18.80 -19.80
C THR A 433 6.80 18.13 -19.45
N LEU A 434 7.21 18.29 -18.19
CA LEU A 434 8.51 17.84 -17.74
C LEU A 434 8.55 17.07 -16.44
N ILE A 435 9.28 15.97 -16.44
CA ILE A 435 9.46 15.23 -15.21
C ILE A 435 10.71 15.86 -14.59
N VAL A 436 10.60 16.30 -13.35
CA VAL A 436 11.74 16.86 -12.65
C VAL A 436 12.21 15.85 -11.60
N LEU A 437 13.45 15.39 -11.78
CA LEU A 437 14.06 14.41 -10.89
C LEU A 437 14.69 15.15 -9.71
N LEU A 438 14.34 14.74 -8.49
CA LEU A 438 14.81 15.42 -7.30
C LEU A 438 16.21 15.05 -6.82
N MET A 439 17.19 15.47 -7.59
CA MET A 439 18.59 15.23 -7.26
C MET A 439 19.38 16.23 -8.06
N GLY A 440 20.68 16.31 -7.79
CA GLY A 440 21.55 17.23 -8.49
C GLY A 440 22.83 16.50 -8.76
N LYS A 441 23.95 17.06 -8.29
CA LYS A 441 25.25 16.42 -8.47
C LYS A 441 25.16 14.99 -7.92
N ASP A 442 24.83 14.89 -6.62
CA ASP A 442 24.73 13.61 -5.96
C ASP A 442 23.27 13.21 -5.77
N VAL A 443 23.04 11.99 -5.31
CA VAL A 443 21.70 11.50 -5.07
C VAL A 443 21.35 11.74 -3.61
N PRO A 444 20.19 12.33 -3.32
CA PRO A 444 19.82 12.58 -1.92
C PRO A 444 19.62 11.24 -1.22
N LYS A 445 19.88 11.20 0.09
CA LYS A 445 19.71 9.96 0.82
C LYS A 445 18.67 10.06 1.94
N SER A 446 17.82 11.08 1.86
CA SER A 446 16.78 11.27 2.87
C SER A 446 15.63 12.11 2.33
N PHE A 447 14.58 12.23 3.14
CA PHE A 447 13.42 13.01 2.78
C PHE A 447 13.77 14.51 2.82
N GLU A 448 14.45 14.94 3.89
CA GLU A 448 14.82 16.33 4.03
C GLU A 448 15.64 16.86 2.85
N GLU A 449 16.58 16.07 2.37
CA GLU A 449 17.41 16.46 1.24
C GLU A 449 16.58 16.49 -0.04
N ARG A 450 15.60 15.61 -0.14
CA ARG A 450 14.76 15.61 -1.32
C ARG A 450 13.88 16.85 -1.30
N LYS A 451 13.43 17.23 -0.10
CA LYS A 451 12.58 18.39 0.07
C LYS A 451 13.32 19.66 -0.32
N GLU A 452 14.60 19.72 0.02
CA GLU A 452 15.42 20.87 -0.33
C GLU A 452 15.47 20.98 -1.84
N TYR A 453 15.68 19.87 -2.52
CA TYR A 453 15.72 19.88 -4.00
C TYR A 453 14.37 20.29 -4.55
N PHE A 454 13.29 19.81 -3.93
CA PHE A 454 11.95 20.20 -4.36
C PHE A 454 11.82 21.74 -4.30
N GLU A 455 12.13 22.32 -3.15
CA GLU A 455 12.02 23.75 -2.98
C GLU A 455 12.90 24.56 -3.92
N LYS A 456 14.08 24.02 -4.22
CA LYS A 456 14.99 24.70 -5.14
C LYS A 456 14.37 24.61 -6.53
N ALA A 457 13.84 23.43 -6.87
CA ALA A 457 13.18 23.25 -8.16
C ALA A 457 12.05 24.27 -8.31
N LEU A 458 11.21 24.41 -7.29
CA LEU A 458 10.11 25.39 -7.37
C LEU A 458 10.63 26.82 -7.64
N LYS A 459 11.76 27.16 -7.02
CA LYS A 459 12.34 28.49 -7.23
C LYS A 459 12.66 28.71 -8.70
N ILE A 460 13.46 27.81 -9.25
CA ILE A 460 13.88 27.85 -10.65
C ILE A 460 12.69 27.79 -11.60
N LEU A 461 11.71 26.95 -11.28
CA LEU A 461 10.51 26.84 -12.09
C LEU A 461 9.66 28.12 -12.04
N GLU A 462 9.48 28.69 -10.85
CA GLU A 462 8.68 29.90 -10.71
C GLU A 462 9.33 31.02 -11.53
N ARG A 463 10.66 31.02 -11.52
CA ARG A 463 11.43 32.00 -12.26
C ARG A 463 11.19 31.94 -13.77
N HIS A 464 11.10 30.73 -14.33
CA HIS A 464 10.87 30.56 -15.76
C HIS A 464 9.42 30.33 -16.10
N ASP A 465 8.53 30.71 -15.18
CA ASP A 465 7.09 30.56 -15.38
C ASP A 465 6.82 29.16 -15.94
N PHE A 466 7.11 28.14 -15.15
CA PHE A 466 6.90 26.77 -15.62
C PHE A 466 6.39 25.82 -14.54
N SER A 467 5.98 26.38 -13.40
CA SER A 467 5.49 25.57 -12.27
C SER A 467 4.30 24.67 -12.56
N ASP A 468 3.52 25.01 -13.58
CA ASP A 468 2.32 24.22 -13.89
C ASP A 468 2.54 23.10 -14.93
N ARG A 469 3.76 22.93 -15.38
CA ARG A 469 4.03 21.93 -16.40
C ARG A 469 4.99 20.83 -15.97
N VAL A 470 5.01 20.52 -14.68
CA VAL A 470 5.91 19.51 -14.17
C VAL A 470 5.27 18.47 -13.29
N ILE A 471 5.95 17.34 -13.25
CA ILE A 471 5.60 16.19 -12.46
C ILE A 471 6.89 15.91 -11.71
N PHE A 472 6.81 15.63 -10.42
CA PHE A 472 8.03 15.35 -9.67
C PHE A 472 8.32 13.88 -9.45
N ASP A 473 9.59 13.52 -9.66
CA ASP A 473 10.06 12.15 -9.48
C ASP A 473 11.04 12.19 -8.28
N PRO A 474 10.65 11.58 -7.14
CA PRO A 474 11.53 11.61 -5.96
C PRO A 474 12.86 10.86 -6.17
N GLY A 475 12.91 9.94 -7.13
CA GLY A 475 14.14 9.22 -7.37
C GLY A 475 14.23 7.95 -6.56
N VAL A 476 13.81 6.84 -7.15
CA VAL A 476 13.83 5.55 -6.49
C VAL A 476 15.18 4.90 -6.71
N LEU A 477 15.86 4.57 -5.60
CA LEU A 477 17.17 3.93 -5.62
C LEU A 477 17.01 2.46 -5.22
N PRO A 478 17.89 1.59 -5.73
CA PRO A 478 17.84 0.16 -5.45
C PRO A 478 17.79 -0.19 -3.95
N LEU A 479 16.89 -1.09 -3.57
CA LEU A 479 16.81 -1.50 -2.18
C LEU A 479 18.17 -2.12 -1.81
N GLY A 480 18.67 -2.97 -2.70
CA GLY A 480 19.93 -3.64 -2.47
C GLY A 480 21.16 -2.75 -2.50
N ALA A 481 20.94 -1.44 -2.33
CA ALA A 481 22.02 -0.47 -2.33
C ALA A 481 21.65 0.63 -1.35
N GLU A 482 20.88 0.27 -0.32
CA GLU A 482 20.42 1.22 0.69
C GLU A 482 19.64 2.37 0.08
N GLY A 483 18.65 2.03 -0.75
CA GLY A 483 17.83 3.04 -1.40
C GLY A 483 16.89 3.75 -0.44
N LYS A 484 16.64 3.13 0.71
CA LYS A 484 15.76 3.72 1.72
C LYS A 484 14.39 4.17 1.15
N PRO A 485 13.63 3.22 0.58
CA PRO A 485 12.32 3.52 0.00
C PRO A 485 11.38 4.32 0.92
N VAL A 486 11.55 4.13 2.22
CA VAL A 486 10.72 4.83 3.18
C VAL A 486 10.86 6.34 3.00
N GLU A 487 12.07 6.80 2.66
CA GLU A 487 12.29 8.22 2.46
C GLU A 487 11.63 8.69 1.16
N VAL A 488 11.45 7.77 0.23
CA VAL A 488 10.79 8.13 -1.03
C VAL A 488 9.27 8.22 -0.78
N LEU A 489 8.73 7.28 -0.02
CA LEU A 489 7.30 7.31 0.31
C LEU A 489 6.95 8.63 1.02
N LYS A 490 7.83 9.07 1.94
CA LYS A 490 7.64 10.33 2.66
C LYS A 490 7.62 11.51 1.69
N THR A 491 8.49 11.43 0.68
CA THR A 491 8.60 12.47 -0.33
C THR A 491 7.35 12.51 -1.22
N ILE A 492 6.86 11.35 -1.61
CA ILE A 492 5.66 11.30 -2.44
C ILE A 492 4.50 11.95 -1.67
N GLU A 493 4.31 11.56 -0.41
CA GLU A 493 3.23 12.12 0.39
C GLU A 493 3.35 13.63 0.52
N PHE A 494 4.57 14.11 0.74
CA PHE A 494 4.81 15.55 0.89
C PHE A 494 4.50 16.33 -0.39
N ILE A 495 4.94 15.82 -1.55
CA ILE A 495 4.69 16.54 -2.81
C ILE A 495 3.22 16.49 -3.17
N SER A 496 2.57 15.35 -2.92
CA SER A 496 1.15 15.24 -3.20
C SER A 496 0.37 16.27 -2.36
N SER A 497 0.75 16.40 -1.09
CA SER A 497 0.07 17.32 -0.19
C SER A 497 0.15 18.74 -0.73
N LYS A 498 1.18 19.01 -1.54
CA LYS A 498 1.40 20.32 -2.13
C LYS A 498 0.71 20.51 -3.46
N GLY A 499 -0.06 19.51 -3.90
CA GLY A 499 -0.79 19.63 -5.14
C GLY A 499 -0.07 19.27 -6.44
N PHE A 500 1.13 18.68 -6.35
CA PHE A 500 1.84 18.31 -7.57
C PHE A 500 1.74 16.81 -7.86
N ASN A 501 1.75 16.48 -9.14
CA ASN A 501 1.73 15.10 -9.59
C ASN A 501 3.10 14.53 -9.35
N THR A 502 3.17 13.23 -9.17
CA THR A 502 4.43 12.57 -8.93
C THR A 502 4.59 11.33 -9.81
N THR A 503 5.81 10.81 -9.94
CA THR A 503 6.02 9.60 -10.69
C THR A 503 7.31 8.98 -10.13
N VAL A 504 7.55 7.72 -10.45
CA VAL A 504 8.78 7.04 -10.01
C VAL A 504 9.17 6.02 -11.07
N GLY A 505 10.45 5.65 -11.12
CA GLY A 505 10.89 4.59 -12.01
C GLY A 505 10.76 3.41 -11.04
N LEU A 506 9.58 2.84 -10.98
CA LEU A 506 9.29 1.75 -10.04
C LEU A 506 10.25 0.54 -9.99
N SER A 507 10.56 -0.04 -11.14
CA SER A 507 11.41 -1.23 -11.16
C SER A 507 12.83 -1.06 -10.59
N ASN A 508 13.30 0.18 -10.46
CA ASN A 508 14.65 0.39 -9.91
C ASN A 508 14.76 -0.13 -8.49
N LEU A 509 13.67 -0.02 -7.74
CA LEU A 509 13.63 -0.45 -6.35
C LEU A 509 14.19 -1.87 -6.18
N SER A 510 13.79 -2.76 -7.06
CA SER A 510 14.16 -4.17 -6.98
C SER A 510 15.30 -4.72 -7.84
N PHE A 511 16.03 -3.88 -8.56
CA PHE A 511 17.07 -4.44 -9.41
C PHE A 511 18.22 -4.94 -8.55
N GLY A 512 18.63 -6.17 -8.87
CA GLY A 512 19.69 -6.84 -8.14
C GLY A 512 19.11 -7.86 -7.18
N LEU A 513 17.86 -7.67 -6.79
CA LEU A 513 17.18 -8.58 -5.86
C LEU A 513 16.38 -9.66 -6.60
N PRO A 514 15.95 -10.70 -5.87
CA PRO A 514 15.15 -11.79 -6.44
C PRO A 514 13.68 -11.43 -6.22
N ASP A 515 12.77 -12.11 -6.91
CA ASP A 515 11.34 -11.83 -6.74
C ASP A 515 11.04 -10.35 -6.92
N ARG A 516 11.66 -9.74 -7.92
CA ARG A 516 11.49 -8.32 -8.20
C ARG A 516 10.04 -7.86 -8.17
N SER A 517 9.17 -8.66 -8.76
CA SER A 517 7.75 -8.37 -8.87
C SER A 517 7.06 -8.06 -7.55
N TYR A 518 7.46 -8.76 -6.49
CA TYR A 518 6.83 -8.55 -5.19
C TYR A 518 7.27 -7.27 -4.52
N TYR A 519 8.54 -6.93 -4.67
CA TYR A 519 9.02 -5.68 -4.10
C TYR A 519 8.37 -4.53 -4.88
N ASN A 520 8.32 -4.66 -6.21
CA ASN A 520 7.73 -3.62 -7.05
C ASN A 520 6.26 -3.42 -6.68
N THR A 521 5.51 -4.50 -6.57
CA THR A 521 4.10 -4.42 -6.22
C THR A 521 3.90 -3.78 -4.85
N ALA A 522 4.67 -4.24 -3.86
CA ALA A 522 4.58 -3.69 -2.52
C ALA A 522 4.83 -2.20 -2.52
N PHE A 523 5.91 -1.78 -3.17
CA PHE A 523 6.21 -0.36 -3.20
C PHE A 523 5.12 0.46 -3.90
N LEU A 524 4.62 -0.03 -5.04
CA LEU A 524 3.58 0.70 -5.77
C LEU A 524 2.33 0.88 -4.91
N VAL A 525 1.91 -0.18 -4.23
CA VAL A 525 0.71 -0.07 -3.40
C VAL A 525 0.92 1.00 -2.34
N LEU A 526 2.06 0.95 -1.65
CA LEU A 526 2.38 1.92 -0.62
C LEU A 526 2.46 3.33 -1.22
N GLY A 527 3.11 3.45 -2.38
CA GLY A 527 3.23 4.76 -2.98
C GLY A 527 1.86 5.35 -3.34
N ILE A 528 1.01 4.54 -3.96
CA ILE A 528 -0.33 5.01 -4.34
C ILE A 528 -1.12 5.47 -3.10
N SER A 529 -0.95 4.76 -1.99
CA SER A 529 -1.64 5.13 -0.75
C SER A 529 -1.16 6.50 -0.24
N LYS A 530 0.03 6.91 -0.64
CA LYS A 530 0.57 8.20 -0.23
C LYS A 530 0.30 9.34 -1.24
N GLY A 531 -0.40 9.03 -2.32
CA GLY A 531 -0.71 10.03 -3.33
C GLY A 531 0.03 9.88 -4.64
N LEU A 532 0.87 8.87 -4.80
CA LEU A 532 1.61 8.69 -6.07
C LEU A 532 0.63 8.75 -7.26
N SER A 533 0.86 9.63 -8.26
CA SER A 533 -0.10 9.72 -9.38
C SER A 533 0.22 8.96 -10.65
N SER A 534 1.42 8.40 -10.74
CA SER A 534 1.83 7.67 -11.94
C SER A 534 3.10 6.91 -11.60
N ALA A 535 3.51 6.04 -12.51
CA ALA A 535 4.73 5.29 -12.33
C ALA A 535 5.18 4.71 -13.66
N ILE A 536 6.50 4.74 -13.85
CA ILE A 536 7.10 4.16 -15.03
C ILE A 536 7.24 2.71 -14.51
N MET A 537 6.56 1.77 -15.16
CA MET A 537 6.53 0.40 -14.65
C MET A 537 6.27 -0.63 -15.74
N ASN A 538 6.33 -1.90 -15.36
CA ASN A 538 6.13 -2.99 -16.33
C ASN A 538 4.68 -3.43 -16.37
N PRO A 539 3.95 -3.04 -17.42
CA PRO A 539 2.55 -3.39 -17.56
C PRO A 539 2.39 -4.87 -17.91
N LEU A 540 3.48 -5.53 -18.26
CA LEU A 540 3.45 -6.94 -18.59
C LEU A 540 3.50 -7.82 -17.34
N ASP A 541 3.74 -7.20 -16.19
CA ASP A 541 3.80 -7.94 -14.92
C ASP A 541 2.35 -8.15 -14.43
N GLU A 542 1.80 -9.32 -14.72
CA GLU A 542 0.42 -9.61 -14.35
C GLU A 542 0.13 -9.40 -12.87
N THR A 543 1.01 -9.87 -12.01
CA THR A 543 0.82 -9.71 -10.58
C THR A 543 0.75 -8.22 -10.24
N LEU A 544 1.72 -7.47 -10.72
CA LEU A 544 1.76 -6.04 -10.45
C LEU A 544 0.50 -5.32 -10.93
N MET A 545 0.09 -5.56 -12.17
CA MET A 545 -1.09 -4.90 -12.72
C MET A 545 -2.41 -5.32 -12.05
N LYS A 546 -2.51 -6.59 -11.66
CA LYS A 546 -3.72 -7.03 -10.97
C LYS A 546 -3.80 -6.40 -9.58
N THR A 547 -2.68 -6.37 -8.87
CA THR A 547 -2.69 -5.79 -7.54
C THR A 547 -2.95 -4.29 -7.63
N LEU A 548 -2.45 -3.64 -8.68
CA LEU A 548 -2.69 -2.21 -8.86
C LEU A 548 -4.19 -1.96 -9.03
N ASN A 549 -4.85 -2.81 -9.83
CA ASN A 549 -6.29 -2.65 -10.06
C ASN A 549 -7.05 -2.82 -8.75
N ALA A 550 -6.71 -3.89 -8.01
CA ALA A 550 -7.33 -4.18 -6.71
C ALA A 550 -7.13 -2.98 -5.78
N THR A 551 -5.93 -2.41 -5.83
CA THR A 551 -5.62 -1.26 -4.99
C THR A 551 -6.51 -0.07 -5.30
N LEU A 552 -6.73 0.18 -6.58
CA LEU A 552 -7.54 1.32 -7.00
C LEU A 552 -8.99 1.11 -6.63
N VAL A 553 -9.47 -0.11 -6.77
CA VAL A 553 -10.85 -0.43 -6.43
C VAL A 553 -10.99 -0.24 -4.93
N ILE A 554 -10.11 -0.89 -4.17
CA ILE A 554 -10.13 -0.78 -2.71
C ILE A 554 -10.15 0.67 -2.25
N LEU A 555 -9.38 1.54 -2.91
CA LEU A 555 -9.33 2.93 -2.49
C LEU A 555 -10.40 3.84 -3.11
N GLU A 556 -11.37 3.25 -3.80
CA GLU A 556 -12.46 4.02 -4.38
C GLU A 556 -12.04 4.95 -5.52
N LYS A 557 -11.09 4.52 -6.33
CA LYS A 557 -10.63 5.34 -7.45
C LYS A 557 -11.23 4.80 -8.74
N LYS A 558 -11.90 3.66 -8.61
CA LYS A 558 -12.56 2.99 -9.73
C LYS A 558 -13.15 1.67 -9.25
N GLU A 559 -13.78 0.91 -10.14
CA GLU A 559 -14.35 -0.39 -9.75
C GLU A 559 -13.93 -1.46 -10.75
N MET B 1 -4.57 -23.08 60.17
CA MET B 1 -4.82 -22.93 58.71
C MET B 1 -4.93 -21.44 58.34
N ARG B 2 -3.89 -20.92 57.71
CA ARG B 2 -3.85 -19.52 57.28
C ARG B 2 -4.39 -19.48 55.86
N ASN B 3 -4.98 -18.35 55.48
CA ASN B 3 -5.52 -18.22 54.13
C ASN B 3 -4.53 -17.42 53.30
N ARG B 4 -4.81 -17.33 52.00
CA ARG B 4 -3.92 -16.61 51.10
C ARG B 4 -3.71 -15.16 51.50
N ARG B 5 -4.74 -14.52 52.08
CA ARG B 5 -4.57 -13.13 52.51
C ARG B 5 -3.57 -13.02 53.66
N GLU B 6 -3.70 -13.90 54.64
CA GLU B 6 -2.80 -13.90 55.80
C GLU B 6 -1.35 -14.17 55.38
N VAL B 7 -1.16 -15.18 54.53
CA VAL B 7 0.17 -15.52 54.06
C VAL B 7 0.73 -14.39 53.21
N SER B 8 -0.12 -13.75 52.40
CA SER B 8 0.33 -12.64 51.56
C SER B 8 0.79 -11.48 52.44
N LYS B 9 0.08 -11.28 53.55
CA LYS B 9 0.43 -10.22 54.49
C LYS B 9 1.84 -10.46 55.04
N LEU B 10 2.09 -11.68 55.52
CA LEU B 10 3.39 -12.01 56.09
C LEU B 10 4.53 -11.77 55.10
N LEU B 11 4.36 -12.25 53.87
CA LEU B 11 5.38 -12.08 52.83
C LEU B 11 5.70 -10.62 52.55
N SER B 12 4.68 -9.77 52.55
CA SER B 12 4.93 -8.38 52.27
C SER B 12 5.69 -7.70 53.42
N GLU B 13 5.76 -8.35 54.58
CA GLU B 13 6.47 -7.78 55.73
C GLU B 13 7.88 -8.29 55.85
N ARG B 14 8.13 -9.50 55.36
CA ARG B 14 9.48 -10.05 55.44
C ARG B 14 9.74 -11.25 54.55
N VAL B 15 11.01 -11.36 54.13
CA VAL B 15 11.46 -12.45 53.28
C VAL B 15 11.56 -13.68 54.16
N LEU B 16 10.90 -14.75 53.72
CA LEU B 16 10.87 -15.98 54.48
C LEU B 16 11.79 -17.07 53.99
N LEU B 17 12.13 -17.95 54.92
CA LEU B 17 13.02 -19.05 54.66
C LEU B 17 12.24 -20.34 54.58
N LEU B 18 12.39 -21.06 53.49
CA LEU B 18 11.73 -22.34 53.34
C LEU B 18 12.72 -23.34 53.99
N ASP B 19 12.58 -24.63 53.67
CA ASP B 19 13.49 -25.62 54.23
C ASP B 19 14.41 -26.17 53.15
N GLY B 20 15.22 -27.15 53.55
CA GLY B 20 16.13 -27.80 52.62
C GLY B 20 15.47 -29.01 51.99
N ALA B 21 16.28 -29.99 51.60
CA ALA B 21 15.82 -31.21 50.96
C ALA B 21 15.35 -32.30 51.93
N TYR B 22 14.49 -33.18 51.41
CA TYR B 22 13.96 -34.30 52.17
C TYR B 22 14.40 -35.62 51.52
N GLY B 23 14.02 -35.82 50.26
CA GLY B 23 14.40 -37.05 49.57
C GLY B 23 15.87 -37.42 49.76
N THR B 24 16.77 -36.48 49.49
CA THR B 24 18.20 -36.74 49.61
C THR B 24 18.65 -36.88 51.07
N GLU B 25 17.89 -36.31 52.00
CA GLU B 25 18.27 -36.43 53.41
C GLU B 25 17.86 -37.81 53.94
N PHE B 26 16.68 -38.28 53.54
CA PHE B 26 16.24 -39.57 54.03
C PHE B 26 17.19 -40.68 53.57
N MET B 27 17.50 -40.72 52.29
CA MET B 27 18.40 -41.75 51.76
C MET B 27 19.69 -41.70 52.54
N LYS B 28 20.08 -40.49 52.93
CA LYS B 28 21.28 -40.22 53.71
C LYS B 28 21.14 -40.78 55.12
N TYR B 29 19.92 -41.10 55.49
CA TYR B 29 19.63 -41.67 56.82
C TYR B 29 19.57 -43.19 56.73
N GLY B 30 19.80 -43.73 55.53
CA GLY B 30 19.76 -45.16 55.35
C GLY B 30 18.41 -45.64 54.85
N TYR B 31 17.56 -44.71 54.48
CA TYR B 31 16.21 -45.02 53.98
C TYR B 31 16.15 -44.92 52.47
N ASP B 32 15.89 -46.05 51.80
CA ASP B 32 15.80 -46.04 50.36
C ASP B 32 14.34 -46.19 49.93
N ASP B 33 13.48 -46.40 50.92
CA ASP B 33 12.04 -46.54 50.67
C ASP B 33 11.60 -45.23 50.03
N LEU B 34 10.51 -45.24 49.26
CA LEU B 34 10.00 -43.99 48.68
C LEU B 34 9.85 -43.09 49.89
N PRO B 35 10.38 -41.86 49.83
CA PRO B 35 10.25 -41.00 51.02
C PRO B 35 8.81 -40.87 51.53
N GLU B 36 7.83 -40.90 50.64
CA GLU B 36 6.42 -40.77 51.03
C GLU B 36 5.93 -41.92 51.89
N GLU B 37 6.56 -43.10 51.75
CA GLU B 37 6.16 -44.24 52.54
C GLU B 37 6.55 -44.04 54.01
N LEU B 38 7.58 -43.24 54.25
CA LEU B 38 8.05 -42.99 55.61
C LEU B 38 6.99 -42.32 56.52
N ASN B 39 6.01 -41.65 55.92
CA ASN B 39 4.94 -41.02 56.71
C ASN B 39 4.16 -42.12 57.39
N ILE B 40 4.26 -43.34 56.85
CA ILE B 40 3.56 -44.50 57.39
C ILE B 40 4.55 -45.44 58.09
N LYS B 41 5.68 -45.71 57.44
CA LYS B 41 6.65 -46.63 57.99
C LYS B 41 7.62 -46.10 59.04
N ALA B 42 7.92 -44.81 59.01
CA ALA B 42 8.87 -44.26 59.99
C ALA B 42 8.58 -42.77 60.17
N PRO B 43 7.36 -42.46 60.65
CA PRO B 43 6.93 -41.07 60.86
C PRO B 43 7.86 -40.33 61.80
N ASP B 44 8.50 -41.07 62.69
CA ASP B 44 9.39 -40.40 63.63
C ASP B 44 10.56 -39.78 62.88
N VAL B 45 10.96 -40.38 61.76
CA VAL B 45 12.10 -39.85 61.00
C VAL B 45 11.71 -38.55 60.26
N VAL B 46 10.57 -38.61 59.59
CA VAL B 46 10.03 -37.45 58.91
C VAL B 46 9.92 -36.26 59.88
N LEU B 47 9.44 -36.54 61.10
CA LEU B 47 9.26 -35.52 62.14
C LEU B 47 10.59 -34.89 62.58
N LYS B 48 11.61 -35.74 62.74
CA LYS B 48 12.95 -35.25 63.14
C LYS B 48 13.50 -34.30 62.08
N VAL B 49 13.38 -34.69 60.81
CA VAL B 49 13.88 -33.85 59.72
C VAL B 49 13.13 -32.49 59.65
N HIS B 50 11.79 -32.51 59.71
CA HIS B 50 11.08 -31.23 59.69
C HIS B 50 11.58 -30.42 60.89
N ARG B 51 11.71 -31.06 62.05
CA ARG B 51 12.16 -30.33 63.23
C ARG B 51 13.55 -29.71 63.10
N SER B 52 14.48 -30.45 62.50
CA SER B 52 15.83 -29.90 62.34
C SER B 52 15.74 -28.60 61.51
N TYR B 53 14.93 -28.64 60.46
CA TYR B 53 14.76 -27.44 59.61
C TYR B 53 14.15 -26.27 60.39
N ILE B 54 13.17 -26.54 61.26
CA ILE B 54 12.57 -25.49 62.08
C ILE B 54 13.60 -24.89 63.06
N GLU B 55 14.37 -25.75 63.71
CA GLU B 55 15.38 -25.32 64.67
C GLU B 55 16.43 -24.51 63.91
N SER B 56 16.62 -24.85 62.65
CA SER B 56 17.58 -24.17 61.78
C SER B 56 17.14 -22.81 61.28
N GLY B 57 15.86 -22.48 61.44
CA GLY B 57 15.40 -21.18 61.01
C GLY B 57 14.29 -21.10 59.98
N SER B 58 13.87 -22.23 59.43
CA SER B 58 12.81 -22.21 58.42
C SER B 58 11.53 -21.60 58.97
N ASP B 59 10.92 -20.74 58.17
CA ASP B 59 9.64 -20.10 58.50
C ASP B 59 8.54 -20.95 57.87
N VAL B 60 8.93 -21.80 56.92
CA VAL B 60 7.99 -22.65 56.18
C VAL B 60 8.60 -24.03 55.97
N ILE B 61 7.79 -25.07 56.05
CA ILE B 61 8.28 -26.43 55.79
C ILE B 61 7.31 -27.08 54.83
N LEU B 62 7.82 -28.00 54.02
CA LEU B 62 7.03 -28.70 52.99
C LEU B 62 6.58 -30.03 53.51
N THR B 63 5.36 -30.42 53.19
CA THR B 63 4.91 -31.71 53.69
C THR B 63 5.71 -32.70 52.86
N ASN B 64 5.91 -33.89 53.42
CA ASN B 64 6.67 -34.95 52.75
C ASN B 64 5.70 -35.73 51.84
N THR B 65 5.26 -35.10 50.76
CA THR B 65 4.30 -35.69 49.79
C THR B 65 4.66 -35.37 48.34
N PHE B 66 5.92 -34.99 48.10
CA PHE B 66 6.33 -34.66 46.75
C PHE B 66 5.79 -35.62 45.68
N GLY B 67 5.87 -36.92 45.91
CA GLY B 67 5.39 -37.87 44.92
C GLY B 67 4.02 -38.43 45.21
N ALA B 68 3.35 -37.82 46.20
CA ALA B 68 2.03 -38.30 46.64
C ALA B 68 0.81 -37.90 45.83
N THR B 69 0.75 -38.38 44.60
CA THR B 69 -0.44 -38.15 43.78
C THR B 69 -0.81 -39.48 43.20
N ARG B 70 -2.07 -39.62 42.83
CA ARG B 70 -2.54 -40.89 42.31
C ARG B 70 -1.72 -41.47 41.17
N MET B 71 -1.50 -40.68 40.13
CA MET B 71 -0.76 -41.14 38.95
C MET B 71 0.68 -41.53 39.23
N LYS B 72 1.33 -40.84 40.16
CA LYS B 72 2.70 -41.16 40.49
C LYS B 72 2.73 -42.41 41.41
N LEU B 73 1.90 -42.45 42.44
CA LEU B 73 1.88 -43.60 43.36
C LEU B 73 1.50 -44.92 42.69
N ARG B 74 0.67 -44.85 41.66
CA ARG B 74 0.23 -46.02 40.92
C ARG B 74 1.38 -46.73 40.17
N LYS B 75 2.43 -45.98 39.87
CA LYS B 75 3.56 -46.55 39.16
C LYS B 75 4.47 -47.34 40.11
N HIS B 76 4.15 -47.29 41.40
CA HIS B 76 4.91 -47.96 42.44
C HIS B 76 4.07 -48.95 43.24
N GLY B 77 2.85 -49.23 42.81
CA GLY B 77 1.98 -50.13 43.56
C GLY B 77 1.47 -49.57 44.89
N LEU B 78 1.41 -48.24 45.03
CA LEU B 78 0.97 -47.61 46.27
C LEU B 78 -0.22 -46.65 46.16
N GLU B 79 -0.99 -46.78 45.10
CA GLU B 79 -2.12 -45.89 44.87
C GLU B 79 -3.15 -45.82 45.99
N ASP B 80 -3.45 -46.98 46.57
CA ASP B 80 -4.43 -47.05 47.62
C ASP B 80 -3.93 -46.54 48.95
N LYS B 81 -2.66 -46.15 49.02
CA LYS B 81 -2.13 -45.61 50.27
C LYS B 81 -2.03 -44.07 50.23
N LEU B 82 -2.58 -43.48 49.17
CA LEU B 82 -2.57 -42.01 48.97
C LEU B 82 -3.11 -41.24 50.17
N ASP B 83 -4.30 -41.62 50.58
CA ASP B 83 -4.96 -40.97 51.71
C ASP B 83 -4.13 -40.99 52.98
N PRO B 84 -3.74 -42.20 53.46
CA PRO B 84 -2.95 -42.18 54.68
C PRO B 84 -1.60 -41.50 54.52
N ILE B 85 -1.02 -41.64 53.33
CA ILE B 85 0.28 -41.01 53.09
C ILE B 85 0.13 -39.50 53.27
N VAL B 86 -0.80 -38.93 52.53
CA VAL B 86 -1.04 -37.49 52.59
C VAL B 86 -1.52 -36.97 53.96
N ARG B 87 -2.48 -37.66 54.57
CA ARG B 87 -2.97 -37.20 55.86
C ARG B 87 -1.88 -37.29 56.93
N ASN B 88 -1.16 -38.40 57.01
CA ASN B 88 -0.08 -38.51 57.96
C ASN B 88 0.94 -37.41 57.70
N ALA B 89 1.21 -37.14 56.42
CA ALA B 89 2.19 -36.11 56.05
C ALA B 89 1.86 -34.78 56.68
N VAL B 90 0.62 -34.34 56.52
CA VAL B 90 0.20 -33.06 57.10
C VAL B 90 0.30 -33.05 58.63
N ARG B 91 -0.20 -34.12 59.23
CA ARG B 91 -0.20 -34.23 60.69
C ARG B 91 1.19 -34.12 61.28
N ILE B 92 2.15 -34.81 60.65
CA ILE B 92 3.55 -34.78 61.09
C ILE B 92 4.14 -33.38 60.94
N ALA B 93 3.97 -32.78 59.76
CA ALA B 93 4.51 -31.44 59.51
C ALA B 93 3.94 -30.43 60.51
N ARG B 94 2.64 -30.52 60.73
CA ARG B 94 1.95 -29.63 61.68
C ARG B 94 2.55 -29.82 63.05
N ARG B 95 2.79 -31.07 63.42
CA ARG B 95 3.37 -31.34 64.73
C ARG B 95 4.75 -30.68 64.86
N ALA B 96 5.56 -30.76 63.80
CA ALA B 96 6.91 -30.16 63.84
C ALA B 96 6.92 -28.63 63.73
N ALA B 97 6.00 -28.09 62.95
CA ALA B 97 5.92 -26.66 62.67
C ALA B 97 5.56 -25.74 63.81
N GLY B 98 4.70 -26.21 64.70
CA GLY B 98 4.26 -25.35 65.79
C GLY B 98 3.53 -24.17 65.18
N GLU B 99 4.10 -22.97 65.33
CA GLU B 99 3.49 -21.76 64.81
C GLU B 99 4.00 -21.41 63.42
N LYS B 100 4.82 -22.27 62.82
CA LYS B 100 5.34 -22.00 61.49
C LYS B 100 4.37 -22.44 60.41
N LEU B 101 4.60 -21.97 59.19
CA LEU B 101 3.73 -22.33 58.09
C LEU B 101 4.04 -23.73 57.54
N VAL B 102 2.99 -24.42 57.13
CA VAL B 102 3.11 -25.76 56.52
C VAL B 102 2.47 -25.69 55.13
N PHE B 103 3.27 -25.95 54.09
CA PHE B 103 2.77 -25.93 52.73
C PHE B 103 2.65 -27.35 52.21
N GLY B 104 1.51 -27.65 51.62
CA GLY B 104 1.29 -28.95 51.01
C GLY B 104 2.17 -29.01 49.77
N ASP B 105 3.11 -29.95 49.77
CA ASP B 105 4.06 -30.10 48.67
C ASP B 105 3.59 -31.11 47.62
N ILE B 106 3.42 -30.66 46.39
CA ILE B 106 3.00 -31.55 45.31
C ILE B 106 3.93 -31.45 44.09
N GLY B 107 4.52 -32.57 43.69
CA GLY B 107 5.40 -32.56 42.53
C GLY B 107 4.71 -33.17 41.31
N PRO B 108 5.37 -33.18 40.13
CA PRO B 108 4.83 -33.73 38.89
C PRO B 108 4.67 -35.23 38.91
N THR B 109 3.86 -35.74 37.97
CA THR B 109 3.57 -37.15 37.87
C THR B 109 4.61 -38.01 37.19
N GLY B 110 5.40 -37.39 36.32
CA GLY B 110 6.41 -38.16 35.61
C GLY B 110 5.84 -38.59 34.25
N GLU B 111 4.58 -38.23 33.98
CA GLU B 111 3.96 -38.57 32.70
C GLU B 111 3.90 -37.31 31.80
N LEU B 112 4.30 -37.47 30.53
CA LEU B 112 4.27 -36.37 29.54
C LEU B 112 2.86 -36.24 28.98
N PRO B 113 2.47 -35.01 28.61
CA PRO B 113 1.14 -34.71 28.05
C PRO B 113 1.00 -35.32 26.68
N TYR B 114 -0.23 -35.63 26.29
CA TYR B 114 -0.46 -36.16 24.96
C TYR B 114 -0.15 -34.99 24.00
N PRO B 115 0.48 -35.26 22.83
CA PRO B 115 0.97 -36.51 22.26
C PRO B 115 2.35 -37.00 22.68
N LEU B 116 3.12 -36.20 23.42
CA LEU B 116 4.45 -36.65 23.85
C LEU B 116 4.29 -37.92 24.73
N GLY B 117 3.15 -37.97 25.42
CA GLY B 117 2.78 -39.09 26.26
C GLY B 117 1.36 -39.38 25.80
N SER B 118 0.49 -39.86 26.68
CA SER B 118 -0.89 -40.14 26.29
C SER B 118 -1.91 -39.52 27.27
N THR B 119 -1.41 -38.73 28.21
CA THR B 119 -2.27 -38.12 29.22
C THR B 119 -2.91 -36.81 28.75
N LEU B 120 -4.24 -36.75 28.86
CA LEU B 120 -5.00 -35.55 28.51
C LEU B 120 -5.08 -34.65 29.74
N PHE B 121 -5.21 -33.35 29.50
CA PHE B 121 -5.32 -32.35 30.57
C PHE B 121 -6.27 -32.79 31.69
N GLU B 122 -7.46 -33.27 31.32
CA GLU B 122 -8.44 -33.68 32.30
C GLU B 122 -7.93 -34.67 33.34
N GLU B 123 -7.21 -35.69 32.90
CA GLU B 123 -6.71 -36.69 33.83
C GLU B 123 -5.70 -36.07 34.80
N PHE B 124 -4.91 -35.11 34.32
CA PHE B 124 -3.92 -34.46 35.19
C PHE B 124 -4.71 -33.68 36.25
N TYR B 125 -5.80 -33.08 35.77
CA TYR B 125 -6.66 -32.21 36.58
C TYR B 125 -7.23 -32.96 37.79
N GLU B 126 -7.90 -34.06 37.53
CA GLU B 126 -8.47 -34.85 38.59
C GLU B 126 -7.41 -35.43 39.54
N ASN B 127 -6.21 -35.71 38.99
CA ASN B 127 -5.10 -36.29 39.76
C ASN B 127 -4.67 -35.32 40.84
N PHE B 128 -4.40 -34.09 40.43
CA PHE B 128 -3.99 -33.09 41.37
C PHE B 128 -5.15 -32.68 42.29
N ARG B 129 -6.36 -32.67 41.74
CA ARG B 129 -7.47 -32.25 42.57
C ARG B 129 -7.61 -33.11 43.81
N GLU B 130 -7.56 -34.43 43.65
CA GLU B 130 -7.70 -35.35 44.79
C GLU B 130 -6.68 -35.06 45.91
N THR B 131 -5.41 -34.95 45.56
CA THR B 131 -4.41 -34.67 46.58
C THR B 131 -4.65 -33.31 47.27
N VAL B 132 -4.94 -32.28 46.49
CA VAL B 132 -5.21 -30.94 47.06
C VAL B 132 -6.41 -31.01 48.04
N GLU B 133 -7.45 -31.74 47.68
CA GLU B 133 -8.61 -31.87 48.57
C GLU B 133 -8.17 -32.45 49.93
N ILE B 134 -7.41 -33.55 49.91
CA ILE B 134 -6.97 -34.16 51.16
C ILE B 134 -6.14 -33.15 51.94
N MET B 135 -5.22 -32.47 51.27
CA MET B 135 -4.41 -31.49 51.99
C MET B 135 -5.26 -30.37 52.63
N VAL B 136 -6.19 -29.84 51.87
CA VAL B 136 -7.02 -28.75 52.37
C VAL B 136 -7.86 -29.23 53.56
N GLU B 137 -8.44 -30.41 53.43
CA GLU B 137 -9.21 -30.99 54.52
C GLU B 137 -8.38 -31.08 55.81
N GLU B 138 -7.14 -31.56 55.68
CA GLU B 138 -6.25 -31.72 56.82
C GLU B 138 -5.65 -30.40 57.27
N GLY B 139 -5.83 -29.35 56.48
CA GLY B 139 -5.33 -28.06 56.89
C GLY B 139 -3.90 -27.69 56.59
N VAL B 140 -3.67 -27.17 55.41
CA VAL B 140 -2.34 -26.72 55.04
C VAL B 140 -2.45 -25.20 54.98
N ASP B 141 -1.31 -24.50 55.09
CA ASP B 141 -1.26 -23.06 55.02
C ASP B 141 -0.98 -22.63 53.59
N GLY B 142 -0.93 -23.59 52.68
CA GLY B 142 -0.65 -23.27 51.31
C GLY B 142 -0.37 -24.53 50.53
N ILE B 143 -0.23 -24.37 49.22
CA ILE B 143 0.05 -25.50 48.34
C ILE B 143 1.10 -25.05 47.33
N ILE B 144 2.20 -25.80 47.26
CA ILE B 144 3.27 -25.46 46.33
C ILE B 144 3.49 -26.60 45.37
N PHE B 145 3.47 -26.27 44.07
CA PHE B 145 3.72 -27.26 43.03
C PHE B 145 5.19 -27.12 42.65
N GLU B 146 6.00 -28.02 43.19
CA GLU B 146 7.44 -28.04 42.98
C GLU B 146 7.91 -28.85 41.79
N THR B 147 9.02 -28.39 41.21
CA THR B 147 9.67 -29.14 40.15
C THR B 147 8.88 -29.55 38.89
N PHE B 148 7.97 -28.70 38.42
CA PHE B 148 7.22 -29.05 37.21
C PHE B 148 8.06 -28.76 35.97
N SER B 149 7.90 -29.60 34.96
CA SER B 149 8.67 -29.48 33.73
C SER B 149 7.83 -29.14 32.51
N ASP B 150 6.52 -29.16 32.70
CA ASP B 150 5.61 -28.89 31.61
C ASP B 150 4.52 -27.90 32.02
N ILE B 151 4.27 -26.87 31.21
CA ILE B 151 3.24 -25.87 31.56
C ILE B 151 1.81 -26.40 31.52
N LEU B 152 1.53 -27.36 30.66
CA LEU B 152 0.17 -27.91 30.60
C LEU B 152 -0.16 -28.64 31.91
N GLU B 153 0.73 -29.55 32.31
CA GLU B 153 0.52 -30.31 33.54
C GLU B 153 0.43 -29.33 34.73
N LEU B 154 1.33 -28.34 34.73
CA LEU B 154 1.36 -27.34 35.80
C LEU B 154 0.09 -26.53 35.74
N LYS B 155 -0.41 -26.27 34.53
CA LYS B 155 -1.66 -25.53 34.38
C LYS B 155 -2.76 -26.34 35.04
N ALA B 156 -2.81 -27.63 34.75
CA ALA B 156 -3.82 -28.54 35.29
C ALA B 156 -3.77 -28.54 36.81
N ALA B 157 -2.55 -28.55 37.35
CA ALA B 157 -2.35 -28.55 38.79
C ALA B 157 -2.91 -27.30 39.48
N VAL B 158 -2.53 -26.13 39.00
CA VAL B 158 -2.98 -24.86 39.60
C VAL B 158 -4.50 -24.65 39.49
N LEU B 159 -5.10 -25.09 38.39
CA LEU B 159 -6.54 -24.93 38.21
C LEU B 159 -7.32 -25.88 39.10
N ALA B 160 -6.76 -27.07 39.34
CA ALA B 160 -7.44 -28.01 40.22
C ALA B 160 -7.34 -27.46 41.64
N ALA B 161 -6.16 -26.98 42.01
CA ALA B 161 -5.98 -26.42 43.35
C ALA B 161 -6.97 -25.26 43.62
N ARG B 162 -7.16 -24.41 42.62
CA ARG B 162 -8.07 -23.27 42.76
C ARG B 162 -9.55 -23.66 42.81
N GLU B 163 -9.94 -24.71 42.10
CA GLU B 163 -11.32 -25.13 42.11
C GLU B 163 -11.69 -25.74 43.48
N VAL B 164 -10.71 -26.30 44.19
CA VAL B 164 -10.99 -26.87 45.50
C VAL B 164 -11.14 -25.72 46.50
N SER B 165 -10.29 -24.73 46.36
CA SER B 165 -10.34 -23.61 47.28
C SER B 165 -9.85 -22.29 46.70
N ARG B 166 -10.64 -21.24 46.92
CA ARG B 166 -10.27 -19.92 46.42
C ARG B 166 -9.45 -19.20 47.47
N ASP B 167 -9.34 -19.78 48.66
CA ASP B 167 -8.60 -19.14 49.75
C ASP B 167 -7.19 -19.64 50.06
N VAL B 168 -6.83 -20.80 49.55
CA VAL B 168 -5.52 -21.34 49.82
C VAL B 168 -4.41 -20.65 49.01
N PHE B 169 -3.32 -20.30 49.68
CA PHE B 169 -2.18 -19.66 49.03
C PHE B 169 -1.61 -20.71 48.06
N LEU B 170 -1.39 -20.31 46.81
CA LEU B 170 -0.92 -21.20 45.75
C LEU B 170 0.41 -20.77 45.14
N ILE B 171 1.39 -21.67 45.15
CA ILE B 171 2.72 -21.40 44.58
C ILE B 171 2.94 -22.36 43.42
N ALA B 172 3.34 -21.84 42.27
CA ALA B 172 3.61 -22.65 41.09
C ALA B 172 5.08 -22.51 40.66
N HIS B 173 5.76 -23.64 40.57
CA HIS B 173 7.17 -23.71 40.20
C HIS B 173 7.42 -24.50 38.91
N MET B 174 8.53 -24.17 38.26
CA MET B 174 9.00 -24.94 37.12
C MET B 174 10.47 -25.12 37.40
N THR B 175 11.09 -26.10 36.76
CA THR B 175 12.50 -26.35 36.94
C THR B 175 13.11 -26.21 35.54
N PHE B 176 14.23 -25.51 35.44
CA PHE B 176 14.85 -25.28 34.14
C PHE B 176 16.25 -25.88 33.99
N ASP B 177 16.60 -26.23 32.75
CA ASP B 177 17.91 -26.78 32.44
C ASP B 177 18.96 -25.65 32.30
N GLU B 178 20.18 -26.03 31.92
CA GLU B 178 21.30 -25.12 31.74
C GLU B 178 20.96 -23.99 30.79
N LYS B 179 20.19 -24.33 29.77
CA LYS B 179 19.80 -23.36 28.74
C LYS B 179 18.58 -22.54 29.12
N GLY B 180 18.17 -22.63 30.38
CA GLY B 180 16.99 -21.88 30.82
C GLY B 180 15.70 -22.37 30.19
N ARG B 181 15.60 -23.67 30.00
CA ARG B 181 14.39 -24.23 29.41
C ARG B 181 13.90 -25.45 30.15
N SER B 182 12.59 -25.58 30.27
CA SER B 182 11.98 -26.73 30.93
C SER B 182 12.04 -27.88 29.93
N LEU B 183 11.68 -29.07 30.38
CA LEU B 183 11.69 -30.27 29.57
C LEU B 183 10.98 -30.10 28.24
N THR B 184 9.81 -29.48 28.27
CA THR B 184 9.09 -29.29 27.01
C THR B 184 9.33 -27.92 26.38
N GLY B 185 10.38 -27.25 26.83
CA GLY B 185 10.79 -25.97 26.24
C GLY B 185 10.33 -24.58 26.66
N THR B 186 9.66 -24.44 27.80
CA THR B 186 9.19 -23.13 28.22
C THR B 186 10.32 -22.37 28.88
N ASP B 187 10.51 -21.10 28.50
CA ASP B 187 11.58 -20.30 29.10
C ASP B 187 11.02 -19.51 30.29
N PRO B 188 11.89 -18.88 31.09
CA PRO B 188 11.39 -18.11 32.24
C PRO B 188 10.31 -17.07 31.95
N ALA B 189 10.46 -16.30 30.86
CA ALA B 189 9.45 -15.28 30.55
C ALA B 189 8.12 -15.90 30.12
N ASN B 190 8.18 -16.96 29.32
CA ASN B 190 6.96 -17.63 28.87
C ASN B 190 6.23 -18.13 30.14
N PHE B 191 6.97 -18.82 31.01
CA PHE B 191 6.40 -19.32 32.26
C PHE B 191 5.64 -18.18 32.95
N ALA B 192 6.34 -17.09 33.22
CA ALA B 192 5.77 -15.92 33.87
C ALA B 192 4.51 -15.39 33.18
N ILE B 193 4.63 -15.00 31.92
CA ILE B 193 3.49 -14.48 31.16
C ILE B 193 2.29 -15.42 31.12
N THR B 194 2.54 -16.72 31.03
CA THR B 194 1.44 -17.68 30.97
C THR B 194 0.74 -17.87 32.32
N PHE B 195 1.51 -17.89 33.40
CA PHE B 195 0.97 -18.11 34.74
C PHE B 195 0.66 -16.89 35.57
N ASP B 196 1.38 -15.81 35.35
CA ASP B 196 1.14 -14.58 36.09
C ASP B 196 -0.35 -14.24 36.17
N GLU B 197 -1.03 -14.31 35.04
CA GLU B 197 -2.44 -13.95 35.03
C GLU B 197 -3.42 -14.95 35.62
N LEU B 198 -2.94 -16.15 35.95
CA LEU B 198 -3.83 -17.13 36.56
C LEU B 198 -3.99 -16.75 38.04
N ASP B 199 -5.04 -17.26 38.67
CA ASP B 199 -5.32 -16.95 40.07
C ASP B 199 -4.40 -17.65 41.08
N ILE B 200 -3.10 -17.59 40.84
CA ILE B 200 -2.13 -18.20 41.74
C ILE B 200 -1.52 -17.03 42.52
N ASP B 201 -0.82 -17.31 43.62
CA ASP B 201 -0.24 -16.25 44.44
C ASP B 201 1.26 -16.03 44.23
N ALA B 202 1.97 -17.09 43.87
CA ALA B 202 3.41 -16.97 43.71
C ALA B 202 3.93 -17.81 42.57
N LEU B 203 5.13 -17.45 42.10
CA LEU B 203 5.79 -18.19 41.04
C LEU B 203 7.22 -18.45 41.51
N GLY B 204 7.80 -19.54 41.05
CA GLY B 204 9.15 -19.81 41.50
C GLY B 204 9.87 -20.88 40.71
N ILE B 205 11.09 -21.15 41.15
CA ILE B 205 11.92 -22.14 40.49
C ILE B 205 12.61 -22.97 41.56
N ASN B 206 12.76 -24.26 41.29
CA ASN B 206 13.50 -25.08 42.21
C ASN B 206 14.16 -26.23 41.47
N CYS B 207 15.23 -26.74 42.08
CA CYS B 207 15.98 -27.89 41.58
C CYS B 207 16.73 -27.71 40.26
N SER B 208 17.25 -28.82 39.76
CA SER B 208 18.00 -28.89 38.49
C SER B 208 19.34 -28.16 38.47
N LEU B 209 19.42 -27.00 39.12
CA LEU B 209 20.67 -26.25 39.11
C LEU B 209 20.98 -25.67 40.47
N GLY B 210 22.18 -25.12 40.60
CA GLY B 210 22.59 -24.51 41.85
C GLY B 210 22.23 -23.04 41.91
N PRO B 211 22.56 -22.35 43.01
CA PRO B 211 22.28 -20.93 43.20
C PRO B 211 22.93 -20.04 42.13
N GLU B 212 24.17 -20.34 41.78
CA GLU B 212 24.89 -19.54 40.78
C GLU B 212 24.20 -19.65 39.41
N GLU B 213 23.93 -20.88 38.98
CA GLU B 213 23.31 -21.09 37.67
C GLU B 213 21.88 -20.55 37.54
N ILE B 214 21.06 -20.68 38.59
CA ILE B 214 19.69 -20.19 38.51
C ILE B 214 19.56 -18.66 38.50
N LEU B 215 20.53 -17.96 39.08
CA LEU B 215 20.49 -16.50 39.15
C LEU B 215 19.98 -15.81 37.88
N PRO B 216 20.62 -16.07 36.72
CA PRO B 216 20.14 -15.42 35.49
C PRO B 216 18.72 -15.81 35.08
N ILE B 217 18.38 -17.09 35.23
CA ILE B 217 17.05 -17.61 34.90
C ILE B 217 15.95 -17.00 35.81
N PHE B 218 16.23 -16.94 37.10
CA PHE B 218 15.29 -16.37 38.05
C PHE B 218 15.13 -14.86 37.79
N GLN B 219 16.19 -14.21 37.34
CA GLN B 219 16.10 -12.80 37.06
C GLN B 219 15.08 -12.60 35.96
N GLU B 220 15.23 -13.37 34.89
CA GLU B 220 14.30 -13.24 33.79
C GLU B 220 12.87 -13.39 34.30
N LEU B 221 12.62 -14.42 35.11
CA LEU B 221 11.29 -14.64 35.66
C LEU B 221 10.81 -13.43 36.45
N SER B 222 11.68 -12.87 37.29
CA SER B 222 11.29 -11.73 38.11
C SER B 222 10.78 -10.52 37.31
N GLN B 223 11.24 -10.37 36.08
CA GLN B 223 10.89 -9.24 35.22
C GLN B 223 9.49 -9.30 34.58
N TYR B 224 8.87 -10.47 34.55
CA TYR B 224 7.56 -10.59 33.92
C TYR B 224 6.37 -10.92 34.82
N THR B 225 6.59 -10.86 36.13
CA THR B 225 5.51 -11.12 37.08
C THR B 225 5.70 -10.19 38.26
N ASP B 226 4.59 -9.72 38.81
CA ASP B 226 4.64 -8.85 39.97
C ASP B 226 4.21 -9.63 41.21
N LYS B 227 3.92 -10.91 41.02
CA LYS B 227 3.51 -11.76 42.14
C LYS B 227 4.69 -12.21 43.01
N PHE B 228 4.39 -12.84 44.14
CA PHE B 228 5.42 -13.31 45.07
C PHE B 228 6.40 -14.27 44.36
N LEU B 229 7.69 -14.21 44.70
CA LEU B 229 8.70 -15.07 44.07
C LEU B 229 9.39 -16.04 45.04
N VAL B 230 9.50 -17.29 44.63
CA VAL B 230 10.12 -18.32 45.46
C VAL B 230 11.30 -19.00 44.75
N VAL B 231 12.32 -19.42 45.50
CA VAL B 231 13.46 -20.12 44.88
C VAL B 231 14.15 -21.12 45.81
N GLU B 232 14.43 -22.31 45.29
CA GLU B 232 15.15 -23.35 46.01
C GLU B 232 16.13 -24.07 45.05
N PRO B 233 17.37 -23.61 44.96
CA PRO B 233 18.38 -24.21 44.09
C PRO B 233 18.90 -25.54 44.67
N ASN B 234 19.48 -26.38 43.80
CA ASN B 234 20.07 -27.65 44.23
C ASN B 234 21.42 -27.37 44.88
N ALA B 235 22.01 -28.41 45.45
CA ALA B 235 23.31 -28.28 46.08
C ALA B 235 24.35 -28.76 45.08
N GLY B 236 23.98 -28.68 43.80
CA GLY B 236 24.89 -29.10 42.76
C GLY B 236 24.42 -30.41 42.15
N TYR B 247 27.11 -34.08 47.63
CA TYR B 247 26.87 -32.80 46.90
C TYR B 247 27.96 -31.77 47.16
N PRO B 248 28.44 -31.13 46.09
CA PRO B 248 29.49 -30.10 46.11
C PRO B 248 29.15 -28.81 46.83
N LEU B 249 27.98 -28.24 46.55
CA LEU B 249 27.59 -26.97 47.13
C LEU B 249 27.38 -26.96 48.63
N LYS B 250 28.39 -26.51 49.35
CA LYS B 250 28.34 -26.45 50.81
C LYS B 250 27.57 -25.24 51.31
N PRO B 251 27.14 -25.26 52.60
CA PRO B 251 26.40 -24.21 53.27
C PRO B 251 26.91 -22.77 53.13
N HIS B 252 28.20 -22.58 53.37
CA HIS B 252 28.77 -21.23 53.31
C HIS B 252 28.64 -20.58 51.94
N ASP B 253 29.15 -21.24 50.90
CA ASP B 253 29.09 -20.68 49.55
C ASP B 253 27.66 -20.60 48.98
N PHE B 254 26.78 -21.47 49.44
CA PHE B 254 25.39 -21.49 48.96
C PHE B 254 24.64 -20.27 49.53
N ALA B 255 24.84 -20.01 50.82
CA ALA B 255 24.19 -18.89 51.49
C ALA B 255 24.65 -17.48 51.05
N VAL B 256 25.86 -17.37 50.52
CA VAL B 256 26.37 -16.07 50.08
C VAL B 256 25.71 -15.56 48.81
N HIS B 257 24.80 -16.35 48.25
CA HIS B 257 24.09 -15.99 47.04
C HIS B 257 22.75 -15.31 47.37
N ILE B 258 22.32 -15.46 48.62
CA ILE B 258 21.06 -14.89 49.07
C ILE B 258 20.89 -13.41 48.72
N ASP B 259 21.94 -12.62 48.92
CA ASP B 259 21.84 -11.20 48.61
C ASP B 259 21.46 -10.99 47.15
N SER B 260 22.10 -11.73 46.25
CA SER B 260 21.80 -11.62 44.82
C SER B 260 20.32 -11.88 44.56
N TYR B 261 19.76 -12.91 45.20
CA TYR B 261 18.35 -13.23 45.03
C TYR B 261 17.48 -12.17 45.70
N TYR B 262 17.91 -11.69 46.86
CA TYR B 262 17.18 -10.65 47.56
C TYR B 262 17.04 -9.40 46.66
N GLU B 263 18.11 -9.10 45.92
CA GLU B 263 18.13 -7.95 44.99
C GLU B 263 17.09 -8.12 43.90
N LEU B 264 16.86 -9.36 43.48
CA LEU B 264 15.91 -9.67 42.43
C LEU B 264 14.46 -9.78 42.90
N GLY B 265 14.21 -9.45 44.17
CA GLY B 265 12.86 -9.51 44.70
C GLY B 265 12.35 -10.85 45.24
N VAL B 266 13.23 -11.78 45.58
CA VAL B 266 12.79 -13.07 46.11
C VAL B 266 12.01 -12.84 47.42
N ASN B 267 10.94 -13.60 47.59
CA ASN B 267 10.09 -13.50 48.78
C ASN B 267 10.27 -14.69 49.72
N ILE B 268 10.53 -15.87 49.16
CA ILE B 268 10.79 -17.05 49.98
C ILE B 268 12.05 -17.72 49.41
N PHE B 269 13.00 -18.03 50.28
CA PHE B 269 14.24 -18.68 49.87
C PHE B 269 14.50 -20.00 50.62
N GLY B 270 14.68 -21.08 49.87
CA GLY B 270 14.96 -22.35 50.50
C GLY B 270 15.98 -23.15 49.69
N GLY B 271 16.11 -24.42 50.02
CA GLY B 271 17.02 -25.27 49.28
C GLY B 271 16.28 -26.50 48.78
N CYS B 272 16.82 -27.14 47.76
CA CYS B 272 16.21 -28.35 47.25
C CYS B 272 17.25 -29.48 47.39
N CYS B 273 17.14 -30.50 46.54
CA CYS B 273 18.05 -31.65 46.58
C CYS B 273 19.48 -31.41 46.98
N GLY B 274 19.90 -32.13 48.01
CA GLY B 274 21.27 -32.02 48.43
C GLY B 274 21.50 -31.07 49.60
N THR B 275 20.62 -30.07 49.76
CA THR B 275 20.81 -29.14 50.86
C THR B 275 20.44 -29.81 52.17
N THR B 276 20.93 -29.23 53.25
CA THR B 276 20.73 -29.82 54.55
C THR B 276 20.38 -28.76 55.61
N PRO B 277 20.21 -29.19 56.87
CA PRO B 277 19.89 -28.24 57.93
C PRO B 277 21.01 -27.22 58.13
N GLU B 278 22.24 -27.68 57.98
CA GLU B 278 23.38 -26.76 58.12
C GLU B 278 23.27 -25.66 57.07
N HIS B 279 22.72 -25.97 55.90
CA HIS B 279 22.52 -24.96 54.84
C HIS B 279 21.50 -23.93 55.31
N VAL B 280 20.38 -24.41 55.85
CA VAL B 280 19.36 -23.50 56.32
C VAL B 280 19.90 -22.60 57.44
N LYS B 281 20.80 -23.13 58.26
CA LYS B 281 21.34 -22.32 59.36
C LYS B 281 22.09 -21.13 58.79
N LEU B 282 22.86 -21.33 57.73
CA LEU B 282 23.59 -20.22 57.12
C LEU B 282 22.63 -19.23 56.46
N PHE B 283 21.53 -19.75 55.89
CA PHE B 283 20.50 -18.91 55.28
C PHE B 283 19.96 -17.94 56.32
N ARG B 284 19.59 -18.47 57.48
CA ARG B 284 19.04 -17.65 58.56
C ARG B 284 20.07 -16.62 58.97
N LYS B 285 21.33 -17.04 59.09
CA LYS B 285 22.38 -16.13 59.48
C LYS B 285 22.52 -15.04 58.41
N VAL B 286 22.71 -15.45 57.16
CA VAL B 286 22.86 -14.49 56.06
C VAL B 286 21.65 -13.60 55.79
N LEU B 287 20.49 -14.21 55.59
CA LEU B 287 19.28 -13.44 55.32
C LEU B 287 18.86 -12.54 56.48
N GLY B 288 18.65 -13.13 57.65
CA GLY B 288 18.23 -12.35 58.80
C GLY B 288 16.80 -11.88 58.61
N ASN B 289 16.50 -10.66 59.05
CA ASN B 289 15.15 -10.13 58.93
C ASN B 289 15.16 -8.93 57.98
N ARG B 290 14.70 -9.15 56.75
CA ARG B 290 14.64 -8.09 55.75
C ARG B 290 13.25 -7.95 55.15
N LYS B 291 12.88 -6.74 54.75
CA LYS B 291 11.59 -6.55 54.13
C LYS B 291 11.86 -6.79 52.64
N PRO B 292 10.92 -7.48 51.96
CA PRO B 292 11.07 -7.77 50.52
C PRO B 292 11.32 -6.52 49.67
N LEU B 293 12.09 -6.67 48.61
CA LEU B 293 12.38 -5.56 47.70
C LEU B 293 11.28 -5.47 46.65
N GLN B 294 10.54 -4.38 46.64
CA GLN B 294 9.45 -4.22 45.67
C GLN B 294 9.99 -4.20 44.24
N ARG B 295 9.11 -4.53 43.30
CA ARG B 295 9.46 -4.53 41.89
C ARG B 295 8.19 -4.32 41.08
N LYS B 296 8.34 -4.03 39.80
CA LYS B 296 7.17 -3.84 38.96
C LYS B 296 7.08 -5.05 38.05
N LYS B 297 7.39 -4.85 36.77
CA LYS B 297 7.36 -5.91 35.76
C LYS B 297 7.18 -5.31 34.37
N LYS B 298 7.88 -5.88 33.40
CA LYS B 298 7.78 -5.44 32.02
C LYS B 298 6.38 -5.82 31.54
N ARG B 299 5.85 -5.03 30.63
CA ARG B 299 4.53 -5.27 30.09
C ARG B 299 4.64 -5.56 28.60
N ILE B 300 4.10 -6.70 28.17
CA ILE B 300 4.12 -7.02 26.76
C ILE B 300 2.85 -7.77 26.44
N PHE B 301 2.45 -7.72 25.18
CA PHE B 301 1.26 -8.42 24.74
C PHE B 301 1.79 -9.64 24.00
N ALA B 302 1.39 -10.84 24.45
CA ALA B 302 1.88 -12.06 23.82
C ALA B 302 1.03 -13.31 24.09
N VAL B 303 1.13 -14.28 23.19
CA VAL B 303 0.43 -15.55 23.33
C VAL B 303 1.55 -16.56 23.34
N SER B 304 1.28 -17.77 23.84
CA SER B 304 2.32 -18.77 23.92
C SER B 304 1.87 -20.20 23.68
N SER B 305 2.88 -21.04 23.51
CA SER B 305 2.77 -22.47 23.33
C SER B 305 3.84 -22.92 24.32
N PRO B 306 3.98 -24.23 24.57
CA PRO B 306 5.01 -24.66 25.53
C PRO B 306 6.43 -24.21 25.16
N SER B 307 6.75 -24.24 23.86
CA SER B 307 8.07 -23.86 23.38
C SER B 307 8.19 -22.48 22.72
N LYS B 308 7.05 -21.84 22.44
CA LYS B 308 7.08 -20.54 21.75
C LYS B 308 6.27 -19.41 22.40
N LEU B 309 6.90 -18.25 22.53
CA LEU B 309 6.23 -17.07 23.05
C LEU B 309 6.22 -16.11 21.86
N VAL B 310 5.02 -15.70 21.46
CA VAL B 310 4.84 -14.78 20.34
C VAL B 310 4.41 -13.39 20.83
N THR B 311 5.32 -12.43 20.73
CA THR B 311 5.08 -11.06 21.15
C THR B 311 4.59 -10.23 19.97
N PHE B 312 3.54 -9.44 20.17
CA PHE B 312 3.01 -8.60 19.10
C PHE B 312 3.80 -7.30 18.99
N ASP B 313 5.08 -7.43 18.65
CA ASP B 313 5.94 -6.27 18.47
C ASP B 313 6.44 -6.29 17.02
N HIS B 314 5.81 -7.12 16.21
CA HIS B 314 6.14 -7.26 14.80
C HIS B 314 4.86 -7.81 14.18
N PHE B 315 4.75 -7.81 12.85
CA PHE B 315 3.53 -8.28 12.21
C PHE B 315 3.39 -9.78 12.39
N VAL B 316 2.23 -10.16 12.92
CA VAL B 316 1.94 -11.56 13.19
C VAL B 316 1.00 -12.20 12.18
N VAL B 317 1.51 -13.23 11.50
CA VAL B 317 0.71 -13.95 10.52
C VAL B 317 -0.01 -15.08 11.25
N ILE B 318 -1.34 -14.99 11.27
CA ILE B 318 -2.21 -15.98 11.92
C ILE B 318 -2.84 -16.85 10.81
N GLY B 319 -2.32 -18.06 10.64
CA GLY B 319 -2.86 -18.96 9.63
C GLY B 319 -4.36 -19.11 9.76
N GLU B 320 -5.06 -19.16 8.63
CA GLU B 320 -6.51 -19.28 8.64
C GLU B 320 -7.00 -20.63 8.14
N ARG B 321 -6.10 -21.48 7.68
CA ARG B 321 -6.51 -22.75 7.08
C ARG B 321 -7.30 -23.80 7.87
N ILE B 322 -7.11 -23.90 9.18
CA ILE B 322 -7.86 -24.90 9.96
C ILE B 322 -9.29 -24.39 10.17
N ASN B 323 -10.01 -24.24 9.05
CA ASN B 323 -11.39 -23.75 9.01
C ASN B 323 -12.19 -24.62 8.01
N PRO B 324 -13.31 -25.22 8.45
CA PRO B 324 -14.19 -26.08 7.64
C PRO B 324 -14.89 -25.44 6.44
N ALA B 325 -15.31 -24.19 6.58
CA ALA B 325 -16.01 -23.47 5.50
C ALA B 325 -15.48 -23.75 4.10
N GLY B 326 -16.41 -24.08 3.20
CA GLY B 326 -16.05 -24.37 1.82
C GLY B 326 -15.07 -25.53 1.62
N ARG B 327 -14.61 -26.13 2.71
CA ARG B 327 -13.66 -27.23 2.62
C ARG B 327 -14.26 -28.56 3.06
N LYS B 328 -15.36 -28.96 2.43
CA LYS B 328 -16.05 -30.20 2.78
C LYS B 328 -15.12 -31.41 3.05
N LYS B 329 -14.01 -31.50 2.34
CA LYS B 329 -13.07 -32.61 2.54
C LYS B 329 -12.43 -32.56 3.94
N LEU B 330 -12.41 -31.36 4.52
CA LEU B 330 -11.85 -31.14 5.85
C LEU B 330 -12.99 -31.18 6.85
N TRP B 331 -14.19 -30.84 6.37
CA TRP B 331 -15.39 -30.85 7.19
C TRP B 331 -15.73 -32.28 7.63
N ALA B 332 -15.54 -33.21 6.70
CA ALA B 332 -15.82 -34.62 6.95
C ALA B 332 -14.98 -35.16 8.10
N GLU B 333 -13.66 -35.15 7.91
CA GLU B 333 -12.72 -35.64 8.92
C GLU B 333 -12.92 -35.05 10.32
N MET B 334 -13.37 -33.79 10.37
CA MET B 334 -13.59 -33.09 11.64
C MET B 334 -14.75 -33.72 12.41
N GLN B 335 -15.69 -34.26 11.66
CA GLN B 335 -16.86 -34.90 12.26
C GLN B 335 -16.47 -36.30 12.68
N LYS B 336 -15.55 -36.90 11.93
CA LYS B 336 -15.07 -38.24 12.23
C LYS B 336 -14.15 -38.16 13.45
N GLY B 337 -13.11 -37.33 13.33
CA GLY B 337 -12.17 -37.18 14.42
C GLY B 337 -10.74 -37.44 13.97
N ASN B 338 -10.45 -37.07 12.74
CA ASN B 338 -9.11 -37.24 12.19
C ASN B 338 -8.22 -36.12 12.71
N GLU B 339 -7.17 -36.49 13.43
CA GLU B 339 -6.24 -35.51 14.00
C GLU B 339 -5.06 -35.26 13.07
N GLU B 340 -4.62 -36.31 12.38
CA GLU B 340 -3.50 -36.21 11.46
C GLU B 340 -3.67 -35.18 10.35
N ILE B 341 -4.92 -34.93 9.92
CA ILE B 341 -5.13 -33.97 8.85
C ILE B 341 -4.91 -32.54 9.34
N VAL B 342 -5.45 -32.23 10.51
CA VAL B 342 -5.29 -30.91 11.10
C VAL B 342 -3.82 -30.69 11.42
N ILE B 343 -3.15 -31.78 11.77
CA ILE B 343 -1.73 -31.73 12.10
C ILE B 343 -0.92 -31.33 10.88
N LYS B 344 -1.34 -31.84 9.72
CA LYS B 344 -0.67 -31.55 8.45
C LYS B 344 -0.82 -30.06 8.07
N GLU B 345 -2.05 -29.55 8.12
CA GLU B 345 -2.32 -28.15 7.80
C GLU B 345 -1.57 -27.22 8.76
N ALA B 346 -1.45 -27.64 10.01
CA ALA B 346 -0.76 -26.86 11.01
C ALA B 346 0.71 -26.78 10.68
N LYS B 347 1.35 -27.92 10.50
CA LYS B 347 2.77 -27.96 10.18
C LYS B 347 3.07 -27.16 8.92
N THR B 348 2.19 -27.25 7.93
CA THR B 348 2.37 -26.55 6.66
C THR B 348 2.42 -25.03 6.85
N GLN B 349 1.31 -24.45 7.31
CA GLN B 349 1.27 -23.01 7.52
C GLN B 349 2.49 -22.55 8.33
N VAL B 350 2.81 -23.25 9.41
CA VAL B 350 3.95 -22.85 10.21
C VAL B 350 5.23 -22.85 9.38
N GLU B 351 5.41 -23.89 8.58
CA GLU B 351 6.62 -23.96 7.76
C GLU B 351 6.59 -22.84 6.72
N LYS B 352 5.38 -22.36 6.39
CA LYS B 352 5.22 -21.28 5.41
C LYS B 352 5.29 -19.87 6.01
N GLY B 353 5.28 -19.77 7.33
CA GLY B 353 5.37 -18.45 7.94
C GLY B 353 4.40 -18.11 9.05
N ALA B 354 3.38 -18.95 9.27
CA ALA B 354 2.41 -18.71 10.34
C ALA B 354 3.10 -18.76 11.71
N GLU B 355 2.81 -17.78 12.57
CA GLU B 355 3.40 -17.75 13.91
C GLU B 355 2.35 -18.14 14.93
N VAL B 356 1.10 -18.07 14.50
CA VAL B 356 -0.07 -18.41 15.30
C VAL B 356 -1.01 -19.10 14.34
N LEU B 357 -1.79 -20.05 14.85
CA LEU B 357 -2.73 -20.77 14.01
C LEU B 357 -4.13 -20.62 14.51
N ASP B 358 -5.01 -20.20 13.62
CA ASP B 358 -6.42 -20.07 13.96
C ASP B 358 -6.97 -21.48 13.85
N VAL B 359 -7.73 -21.89 14.84
CA VAL B 359 -8.34 -23.22 14.82
C VAL B 359 -9.83 -23.02 15.03
N ASN B 360 -10.61 -23.45 14.06
CA ASN B 360 -12.05 -23.34 14.12
C ASN B 360 -12.65 -24.68 13.70
N PHE B 361 -13.83 -25.01 14.22
CA PHE B 361 -14.45 -26.29 13.89
C PHE B 361 -15.78 -26.18 13.17
N GLY B 362 -16.02 -25.03 12.53
CA GLY B 362 -17.25 -24.81 11.79
C GLY B 362 -18.49 -24.83 12.67
N ILE B 363 -19.41 -25.74 12.35
CA ILE B 363 -20.61 -25.87 13.15
C ILE B 363 -20.19 -26.83 14.26
N GLU B 364 -19.83 -26.26 15.40
CA GLU B 364 -19.36 -27.01 16.55
C GLU B 364 -20.29 -28.17 16.89
N SER B 365 -21.60 -27.89 16.84
CA SER B 365 -22.63 -28.88 17.16
C SER B 365 -22.35 -30.28 16.60
N GLN B 366 -21.78 -30.35 15.40
CA GLN B 366 -21.49 -31.64 14.77
C GLN B 366 -20.11 -32.18 15.13
N ILE B 367 -19.46 -31.57 16.12
CA ILE B 367 -18.12 -32.00 16.52
C ILE B 367 -18.06 -32.57 17.93
N ASP B 368 -17.21 -33.58 18.10
CA ASP B 368 -17.01 -34.26 19.38
C ASP B 368 -16.16 -33.40 20.33
N VAL B 369 -16.78 -32.86 21.37
CA VAL B 369 -16.07 -32.03 22.33
C VAL B 369 -14.70 -32.61 22.69
N ARG B 370 -14.63 -33.93 22.87
CA ARG B 370 -13.35 -34.56 23.21
C ARG B 370 -12.34 -34.34 22.09
N TYR B 371 -12.83 -34.21 20.87
CA TYR B 371 -11.99 -33.97 19.70
C TYR B 371 -11.40 -32.56 19.77
N VAL B 372 -12.27 -31.60 20.05
CA VAL B 372 -11.87 -30.20 20.18
C VAL B 372 -10.91 -30.04 21.35
N GLU B 373 -10.92 -31.00 22.27
CA GLU B 373 -10.04 -30.93 23.41
C GLU B 373 -8.67 -31.54 23.10
N LYS B 374 -8.67 -32.62 22.35
CA LYS B 374 -7.42 -33.28 21.99
C LYS B 374 -6.64 -32.48 20.93
N ILE B 375 -7.38 -31.71 20.15
CA ILE B 375 -6.76 -30.87 19.10
C ILE B 375 -6.05 -29.69 19.75
N VAL B 376 -6.79 -28.98 20.60
CA VAL B 376 -6.27 -27.83 21.28
C VAL B 376 -5.03 -28.18 22.08
N GLN B 377 -4.96 -29.42 22.58
CA GLN B 377 -3.80 -29.82 23.37
C GLN B 377 -2.60 -30.21 22.52
N THR B 378 -2.88 -30.90 21.42
CA THR B 378 -1.83 -31.40 20.52
C THR B 378 -1.01 -30.40 19.68
N LEU B 379 -1.71 -29.62 18.87
CA LEU B 379 -1.06 -28.64 17.99
C LEU B 379 0.08 -27.82 18.61
N PRO B 380 -0.16 -27.17 19.75
CA PRO B 380 0.92 -26.38 20.36
C PRO B 380 2.22 -27.16 20.48
N TYR B 381 2.10 -28.46 20.75
CA TYR B 381 3.25 -29.35 20.87
C TYR B 381 3.81 -29.80 19.52
N VAL B 382 2.95 -30.23 18.60
CA VAL B 382 3.39 -30.69 17.28
C VAL B 382 3.80 -29.58 16.30
N SER B 383 3.00 -28.51 16.23
CA SER B 383 3.28 -27.38 15.33
C SER B 383 4.21 -26.39 16.03
N ASN B 384 4.22 -26.46 17.36
CA ASN B 384 5.07 -25.61 18.19
C ASN B 384 4.63 -24.18 18.39
N VAL B 385 3.57 -23.74 17.72
CA VAL B 385 3.14 -22.36 17.87
C VAL B 385 1.83 -22.19 18.61
N PRO B 386 1.55 -20.97 19.09
CA PRO B 386 0.32 -20.66 19.82
C PRO B 386 -0.90 -20.78 18.93
N LEU B 387 -2.07 -20.89 19.55
CA LEU B 387 -3.32 -21.01 18.82
C LEU B 387 -4.26 -19.83 19.04
N SER B 388 -5.11 -19.61 18.05
CA SER B 388 -6.14 -18.59 18.04
C SER B 388 -7.45 -19.39 18.04
N LEU B 389 -8.06 -19.56 19.20
CA LEU B 389 -9.29 -20.34 19.29
C LEU B 389 -10.48 -19.60 18.69
N ASP B 390 -10.94 -20.08 17.56
CA ASP B 390 -12.06 -19.47 16.84
C ASP B 390 -13.30 -20.31 17.11
N ILE B 391 -14.01 -19.98 18.19
CA ILE B 391 -15.20 -20.71 18.58
C ILE B 391 -16.30 -19.78 19.06
N GLN B 392 -17.53 -20.09 18.66
CA GLN B 392 -18.65 -19.26 19.07
C GLN B 392 -19.46 -19.87 20.20
N ASN B 393 -19.68 -21.18 20.15
CA ASN B 393 -20.47 -21.85 21.17
C ASN B 393 -19.84 -21.65 22.54
N VAL B 394 -20.59 -21.03 23.44
CA VAL B 394 -20.09 -20.74 24.79
C VAL B 394 -19.66 -21.97 25.58
N ASP B 395 -20.28 -23.12 25.34
CA ASP B 395 -19.91 -24.33 26.06
C ASP B 395 -18.55 -24.82 25.57
N LEU B 396 -18.41 -25.00 24.25
CA LEU B 396 -17.16 -25.45 23.65
C LEU B 396 -16.02 -24.47 23.90
N THR B 397 -16.36 -23.20 24.07
CA THR B 397 -15.35 -22.18 24.34
C THR B 397 -14.68 -22.48 25.69
N GLU B 398 -15.48 -22.66 26.73
CA GLU B 398 -14.95 -22.96 28.05
C GLU B 398 -14.13 -24.23 27.99
N ARG B 399 -14.68 -25.26 27.38
CA ARG B 399 -13.97 -26.53 27.25
C ARG B 399 -12.61 -26.33 26.58
N ALA B 400 -12.57 -25.52 25.53
CA ALA B 400 -11.33 -25.28 24.79
C ALA B 400 -10.30 -24.47 25.57
N LEU B 401 -10.74 -23.43 26.26
CA LEU B 401 -9.83 -22.60 27.03
C LEU B 401 -9.15 -23.28 28.22
N ARG B 402 -9.85 -24.18 28.90
CA ARG B 402 -9.25 -24.84 30.07
C ARG B 402 -8.14 -25.82 29.70
N ALA B 403 -8.30 -26.51 28.57
CA ALA B 403 -7.29 -27.47 28.13
C ALA B 403 -6.14 -26.91 27.26
N TYR B 404 -6.06 -25.58 27.11
CA TYR B 404 -5.01 -25.00 26.26
C TYR B 404 -3.66 -24.83 26.93
N PRO B 405 -2.62 -25.47 26.38
CA PRO B 405 -1.25 -25.42 26.89
C PRO B 405 -0.51 -24.09 26.70
N GLY B 406 -0.92 -23.07 27.44
CA GLY B 406 -0.28 -21.77 27.35
C GLY B 406 -1.32 -20.66 27.36
N ARG B 407 -0.90 -19.48 26.91
CA ARG B 407 -1.82 -18.35 26.83
C ARG B 407 -2.27 -18.20 25.38
N SER B 408 -3.55 -18.40 25.13
CA SER B 408 -4.06 -18.32 23.77
C SER B 408 -4.71 -16.99 23.43
N LEU B 409 -5.22 -16.90 22.21
CA LEU B 409 -5.93 -15.71 21.75
C LEU B 409 -7.32 -16.21 21.48
N PHE B 410 -8.32 -15.68 22.18
CA PHE B 410 -9.67 -16.16 21.90
C PHE B 410 -10.25 -15.30 20.80
N ASN B 411 -10.76 -15.96 19.76
CA ASN B 411 -11.29 -15.25 18.62
C ASN B 411 -12.75 -14.84 18.60
N SER B 412 -12.94 -13.53 18.46
CA SER B 412 -14.24 -12.90 18.37
C SER B 412 -14.94 -12.75 19.72
N ALA B 413 -15.54 -11.58 19.88
CA ALA B 413 -16.30 -11.17 21.03
C ALA B 413 -16.77 -9.81 20.55
N LYS B 414 -18.07 -9.69 20.32
CA LYS B 414 -18.65 -8.45 19.83
C LYS B 414 -18.79 -7.43 20.96
N VAL B 415 -19.08 -6.19 20.60
CA VAL B 415 -19.23 -5.16 21.63
C VAL B 415 -20.63 -5.23 22.23
N ASP B 416 -20.92 -6.39 22.82
CA ASP B 416 -22.19 -6.69 23.47
C ASP B 416 -21.94 -6.79 24.98
N GLU B 417 -22.41 -5.79 25.72
CA GLU B 417 -22.25 -5.74 27.16
C GLU B 417 -22.25 -7.14 27.79
N GLU B 418 -23.35 -7.86 27.64
CA GLU B 418 -23.49 -9.20 28.19
C GLU B 418 -22.49 -10.22 27.69
N GLU B 419 -22.28 -10.28 26.38
CA GLU B 419 -21.34 -11.24 25.79
C GLU B 419 -19.90 -11.02 26.23
N LEU B 420 -19.49 -9.77 26.32
CA LEU B 420 -18.13 -9.45 26.73
C LEU B 420 -17.83 -9.98 28.13
N GLU B 421 -18.63 -9.59 29.11
CA GLU B 421 -18.43 -10.04 30.47
C GLU B 421 -18.34 -11.58 30.54
N MET B 422 -19.23 -12.26 29.84
CA MET B 422 -19.26 -13.71 29.80
C MET B 422 -17.97 -14.32 29.22
N LYS B 423 -17.32 -13.62 28.30
CA LYS B 423 -16.10 -14.12 27.70
C LYS B 423 -14.88 -13.65 28.48
N ILE B 424 -14.90 -12.39 28.89
CA ILE B 424 -13.80 -11.83 29.66
C ILE B 424 -13.61 -12.69 30.92
N ASN B 425 -14.72 -13.14 31.51
CA ASN B 425 -14.60 -13.95 32.71
C ASN B 425 -14.01 -15.32 32.46
N LEU B 426 -14.36 -15.91 31.32
CA LEU B 426 -13.82 -17.21 30.97
C LEU B 426 -12.30 -17.11 30.83
N LEU B 427 -11.85 -16.01 30.23
CA LEU B 427 -10.42 -15.78 30.01
C LEU B 427 -9.70 -15.35 31.29
N LYS B 428 -10.41 -14.67 32.17
CA LYS B 428 -9.81 -14.25 33.43
C LYS B 428 -9.54 -15.47 34.31
N LYS B 429 -10.33 -16.51 34.13
CA LYS B 429 -10.20 -17.73 34.91
C LYS B 429 -9.19 -18.72 34.34
N TYR B 430 -9.16 -18.84 33.01
CA TYR B 430 -8.25 -19.77 32.36
C TYR B 430 -7.06 -19.12 31.70
N GLY B 431 -7.07 -17.79 31.65
CA GLY B 431 -5.97 -17.08 31.02
C GLY B 431 -6.21 -16.92 29.52
N GLY B 432 -5.51 -15.96 28.92
CA GLY B 432 -5.67 -15.73 27.50
C GLY B 432 -5.94 -14.29 27.12
N THR B 433 -5.89 -14.02 25.81
CA THR B 433 -6.14 -12.70 25.25
C THR B 433 -7.40 -12.77 24.40
N LEU B 434 -7.98 -11.62 24.08
CA LEU B 434 -9.22 -11.62 23.33
C LEU B 434 -9.29 -10.72 22.09
N ILE B 435 -9.84 -11.26 21.01
CA ILE B 435 -10.06 -10.44 19.83
C ILE B 435 -11.47 -9.87 19.98
N VAL B 436 -11.58 -8.55 19.96
CA VAL B 436 -12.87 -7.89 20.08
C VAL B 436 -13.28 -7.39 18.69
N LEU B 437 -14.42 -7.90 18.23
CA LEU B 437 -14.97 -7.55 16.94
C LEU B 437 -15.87 -6.32 17.08
N LEU B 438 -15.64 -5.30 16.27
CA LEU B 438 -16.44 -4.08 16.34
C LEU B 438 -17.70 -4.19 15.49
N SER B 446 -19.15 1.74 7.86
CA SER B 446 -18.77 3.13 8.28
C SER B 446 -17.65 3.20 9.33
N PHE B 447 -16.77 4.19 9.17
CA PHE B 447 -15.66 4.39 10.09
C PHE B 447 -16.14 5.02 11.40
N GLU B 448 -17.03 5.99 11.29
CA GLU B 448 -17.57 6.70 12.44
C GLU B 448 -18.25 5.73 13.40
N GLU B 449 -18.98 4.76 12.85
CA GLU B 449 -19.67 3.78 13.66
C GLU B 449 -18.66 2.89 14.39
N ARG B 450 -17.70 2.36 13.63
CA ARG B 450 -16.67 1.50 14.20
C ARG B 450 -15.96 2.21 15.35
N LYS B 451 -15.83 3.53 15.24
CA LYS B 451 -15.17 4.32 16.27
C LYS B 451 -15.99 4.34 17.57
N GLU B 452 -17.31 4.45 17.44
CA GLU B 452 -18.20 4.48 18.60
C GLU B 452 -18.20 3.13 19.28
N TYR B 453 -18.18 2.06 18.48
CA TYR B 453 -18.15 0.70 19.01
C TYR B 453 -16.85 0.50 19.77
N PHE B 454 -15.78 1.12 19.25
CA PHE B 454 -14.46 1.04 19.85
C PHE B 454 -14.47 1.77 21.19
N GLU B 455 -15.17 2.90 21.23
CA GLU B 455 -15.26 3.69 22.45
C GLU B 455 -16.10 2.95 23.48
N LYS B 456 -17.17 2.31 23.03
CA LYS B 456 -18.04 1.57 23.91
C LYS B 456 -17.29 0.39 24.49
N ALA B 457 -16.71 -0.43 23.61
CA ALA B 457 -15.95 -1.60 24.03
C ALA B 457 -14.86 -1.22 25.03
N LEU B 458 -14.22 -0.08 24.80
CA LEU B 458 -13.16 0.38 25.68
C LEU B 458 -13.67 0.65 27.10
N LYS B 459 -14.89 1.17 27.21
CA LYS B 459 -15.46 1.45 28.52
C LYS B 459 -15.82 0.14 29.24
N ILE B 460 -16.36 -0.81 28.50
CA ILE B 460 -16.72 -2.12 29.07
C ILE B 460 -15.43 -2.80 29.52
N LEU B 461 -14.42 -2.82 28.65
CA LEU B 461 -13.12 -3.46 28.94
C LEU B 461 -12.44 -2.85 30.15
N GLU B 462 -12.44 -1.52 30.22
CA GLU B 462 -11.81 -0.81 31.35
C GLU B 462 -12.61 -1.03 32.62
N ARG B 463 -13.89 -1.38 32.44
CA ARG B 463 -14.76 -1.64 33.57
C ARG B 463 -14.35 -2.96 34.22
N HIS B 464 -13.99 -3.94 33.39
CA HIS B 464 -13.58 -5.25 33.87
C HIS B 464 -12.05 -5.37 33.88
N ASP B 465 -11.36 -4.24 33.89
CA ASP B 465 -9.89 -4.19 33.87
C ASP B 465 -9.31 -5.29 32.97
N PHE B 466 -9.63 -5.22 31.67
CA PHE B 466 -9.19 -6.23 30.72
C PHE B 466 -8.69 -5.52 29.45
N SER B 467 -8.76 -4.20 29.47
CA SER B 467 -8.34 -3.40 28.33
C SER B 467 -6.93 -3.69 27.81
N ASP B 468 -6.13 -4.41 28.60
CA ASP B 468 -4.76 -4.73 28.18
C ASP B 468 -4.60 -6.14 27.60
N ARG B 469 -5.68 -6.88 27.49
CA ARG B 469 -5.62 -8.24 26.97
C ARG B 469 -6.47 -8.39 25.71
N VAL B 470 -6.61 -7.30 24.96
CA VAL B 470 -7.42 -7.34 23.75
C VAL B 470 -6.69 -6.86 22.49
N ILE B 471 -7.21 -7.29 21.35
CA ILE B 471 -6.70 -6.90 20.04
C ILE B 471 -7.99 -6.68 19.23
N PHE B 472 -8.13 -5.50 18.62
CA PHE B 472 -9.35 -5.19 17.88
C PHE B 472 -9.37 -5.58 16.41
N ASP B 473 -10.52 -6.10 16.02
CA ASP B 473 -10.78 -6.52 14.64
C ASP B 473 -11.87 -5.58 14.14
N PRO B 474 -11.52 -4.64 13.24
CA PRO B 474 -12.51 -3.70 12.73
C PRO B 474 -13.64 -4.30 11.88
N GLY B 475 -13.50 -5.56 11.47
CA GLY B 475 -14.56 -6.20 10.70
C GLY B 475 -14.51 -6.02 9.21
N VAL B 476 -13.77 -6.89 8.53
CA VAL B 476 -13.65 -6.81 7.08
C VAL B 476 -14.80 -7.49 6.37
N LEU B 477 -15.55 -6.69 5.60
CA LEU B 477 -16.70 -7.18 4.83
C LEU B 477 -16.35 -7.31 3.35
N PRO B 478 -16.89 -8.34 2.67
CA PRO B 478 -16.64 -8.58 1.25
C PRO B 478 -16.86 -7.30 0.44
N LEU B 479 -15.87 -6.89 -0.33
CA LEU B 479 -16.01 -5.66 -1.10
C LEU B 479 -17.12 -5.82 -2.12
N GLY B 480 -17.39 -7.06 -2.49
CA GLY B 480 -18.45 -7.34 -3.44
C GLY B 480 -19.80 -7.00 -2.84
N ALA B 481 -19.95 -7.29 -1.55
CA ALA B 481 -21.18 -7.00 -0.82
C ALA B 481 -21.08 -5.62 -0.19
N GLU B 482 -21.24 -5.56 1.13
CA GLU B 482 -21.15 -4.28 1.84
C GLU B 482 -19.88 -3.58 1.37
N GLY B 483 -18.75 -4.26 1.58
CA GLY B 483 -17.48 -3.71 1.16
C GLY B 483 -17.05 -2.50 1.95
N LYS B 484 -16.63 -1.47 1.22
CA LYS B 484 -16.14 -0.24 1.82
C LYS B 484 -14.81 -0.47 2.59
N PRO B 485 -13.85 -1.16 1.94
CA PRO B 485 -12.55 -1.45 2.55
C PRO B 485 -11.84 -0.23 3.13
N VAL B 486 -12.18 0.96 2.63
CA VAL B 486 -11.55 2.19 3.09
C VAL B 486 -11.96 2.60 4.51
N GLU B 487 -13.17 2.22 4.93
CA GLU B 487 -13.62 2.55 6.27
C GLU B 487 -12.83 1.71 7.27
N VAL B 488 -12.54 0.48 6.85
CA VAL B 488 -11.77 -0.45 7.65
C VAL B 488 -10.34 0.08 7.81
N LEU B 489 -9.77 0.58 6.73
CA LEU B 489 -8.43 1.13 6.78
C LEU B 489 -8.33 2.30 7.74
N LYS B 490 -9.29 3.22 7.69
CA LYS B 490 -9.27 4.37 8.58
C LYS B 490 -9.42 3.93 10.04
N THR B 491 -10.18 2.85 10.25
CA THR B 491 -10.40 2.37 11.61
C THR B 491 -9.08 1.83 12.16
N ILE B 492 -8.40 1.02 11.35
CA ILE B 492 -7.11 0.44 11.73
C ILE B 492 -6.14 1.56 12.14
N GLU B 493 -6.10 2.64 11.36
CA GLU B 493 -5.19 3.74 11.67
C GLU B 493 -5.53 4.37 13.02
N PHE B 494 -6.80 4.65 13.22
CA PHE B 494 -7.27 5.25 14.45
C PHE B 494 -6.93 4.41 15.67
N ILE B 495 -7.38 3.16 15.66
CA ILE B 495 -7.14 2.25 16.77
C ILE B 495 -5.65 2.18 16.98
N SER B 496 -4.93 1.95 15.90
CA SER B 496 -3.49 1.85 15.95
C SER B 496 -2.91 3.09 16.66
N SER B 497 -3.40 4.28 16.30
CA SER B 497 -2.89 5.51 16.91
C SER B 497 -3.18 5.57 18.42
N LYS B 498 -4.10 4.72 18.89
CA LYS B 498 -4.44 4.70 20.30
C LYS B 498 -3.62 3.65 21.08
N GLY B 499 -2.71 2.99 20.37
CA GLY B 499 -1.85 2.00 20.99
C GLY B 499 -2.37 0.58 21.08
N PHE B 500 -3.48 0.28 20.42
CA PHE B 500 -4.04 -1.07 20.46
C PHE B 500 -3.71 -1.91 19.23
N ASN B 501 -3.44 -3.19 19.47
CA ASN B 501 -3.13 -4.12 18.40
C ASN B 501 -4.39 -4.36 17.60
N THR B 502 -4.22 -4.75 16.35
CA THR B 502 -5.35 -4.97 15.47
C THR B 502 -5.17 -6.25 14.67
N THR B 503 -6.23 -6.70 14.04
CA THR B 503 -6.18 -7.88 13.18
C THR B 503 -7.40 -7.79 12.32
N VAL B 504 -7.47 -8.67 11.32
CA VAL B 504 -8.61 -8.71 10.42
C VAL B 504 -8.65 -10.10 9.84
N GLY B 505 -9.81 -10.48 9.33
CA GLY B 505 -9.94 -11.75 8.66
C GLY B 505 -9.68 -11.25 7.23
N LEU B 506 -8.43 -11.31 6.79
CA LEU B 506 -8.04 -10.82 5.47
C LEU B 506 -8.82 -11.41 4.29
N SER B 507 -8.80 -12.73 4.13
CA SER B 507 -9.51 -13.34 3.00
C SER B 507 -10.99 -12.96 2.80
N ASN B 508 -11.61 -12.31 3.80
CA ASN B 508 -13.03 -11.93 3.71
C ASN B 508 -13.29 -10.84 2.68
N LEU B 509 -12.32 -9.96 2.51
CA LEU B 509 -12.42 -8.87 1.55
C LEU B 509 -12.80 -9.34 0.16
N SER B 510 -12.27 -10.51 -0.22
CA SER B 510 -12.51 -11.08 -1.54
C SER B 510 -13.46 -12.27 -1.57
N PRO B 514 -12.58 -14.40 -7.60
CA PRO B 514 -12.23 -13.43 -8.67
C PRO B 514 -10.87 -12.81 -8.38
N ASP B 515 -9.80 -13.56 -8.64
CA ASP B 515 -8.45 -13.08 -8.38
C ASP B 515 -8.41 -12.45 -6.97
N ARG B 516 -8.79 -13.25 -5.99
CA ARG B 516 -8.84 -12.78 -4.61
C ARG B 516 -7.46 -12.59 -3.99
N SER B 517 -6.47 -13.34 -4.46
CA SER B 517 -5.12 -13.20 -3.94
C SER B 517 -4.62 -11.75 -4.10
N TYR B 518 -4.89 -11.17 -5.26
CA TYR B 518 -4.47 -9.81 -5.56
C TYR B 518 -5.23 -8.80 -4.72
N TYR B 519 -6.52 -9.06 -4.45
CA TYR B 519 -7.30 -8.17 -3.59
C TYR B 519 -6.84 -8.28 -2.14
N ASN B 520 -6.56 -9.51 -1.69
CA ASN B 520 -6.11 -9.74 -0.32
C ASN B 520 -4.75 -9.08 -0.11
N THR B 521 -3.85 -9.27 -1.08
CA THR B 521 -2.51 -8.70 -1.01
C THR B 521 -2.52 -7.18 -0.94
N ALA B 522 -3.30 -6.53 -1.80
CA ALA B 522 -3.34 -5.07 -1.79
C ALA B 522 -3.89 -4.56 -0.46
N PHE B 523 -4.96 -5.20 0.04
CA PHE B 523 -5.51 -4.75 1.32
C PHE B 523 -4.50 -4.97 2.43
N LEU B 524 -3.80 -6.11 2.42
CA LEU B 524 -2.82 -6.38 3.48
C LEU B 524 -1.72 -5.31 3.49
N VAL B 525 -1.21 -4.96 2.31
CA VAL B 525 -0.16 -3.95 2.23
C VAL B 525 -0.69 -2.62 2.78
N LEU B 526 -1.86 -2.23 2.29
CA LEU B 526 -2.46 -0.98 2.75
C LEU B 526 -2.75 -1.00 4.26
N GLY B 527 -3.29 -2.09 4.77
CA GLY B 527 -3.55 -2.14 6.21
C GLY B 527 -2.26 -2.03 7.02
N ILE B 528 -1.22 -2.74 6.61
CA ILE B 528 0.02 -2.68 7.34
C ILE B 528 0.52 -1.23 7.35
N SER B 529 0.33 -0.51 6.25
CA SER B 529 0.79 0.89 6.19
C SER B 529 0.04 1.75 7.20
N LYS B 530 -1.13 1.29 7.64
CA LYS B 530 -1.91 2.06 8.61
C LYS B 530 -1.71 1.58 10.05
N GLY B 531 -0.88 0.53 10.23
CA GLY B 531 -0.63 0.03 11.57
C GLY B 531 -1.13 -1.38 11.90
N LEU B 532 -1.78 -2.05 10.95
CA LEU B 532 -2.29 -3.40 11.20
C LEU B 532 -1.19 -4.25 11.85
N SER B 533 -1.43 -4.79 13.05
CA SER B 533 -0.39 -5.57 13.69
C SER B 533 -0.40 -7.06 13.38
N SER B 534 -1.49 -7.53 12.78
CA SER B 534 -1.60 -8.94 12.44
C SER B 534 -2.75 -9.16 11.48
N ALA B 535 -2.84 -10.40 11.01
CA ALA B 535 -3.93 -10.74 10.11
C ALA B 535 -4.17 -12.25 10.05
N ILE B 536 -5.44 -12.64 10.06
CA ILE B 536 -5.83 -14.03 9.92
C ILE B 536 -5.81 -14.12 8.40
N MET B 537 -4.88 -14.89 7.87
CA MET B 537 -4.68 -14.98 6.44
C MET B 537 -4.11 -16.34 6.03
N ASN B 538 -3.95 -16.52 4.72
CA ASN B 538 -3.43 -17.76 4.14
C ASN B 538 -1.93 -17.77 3.87
N PRO B 539 -1.14 -18.40 4.75
CA PRO B 539 0.30 -18.44 4.52
C PRO B 539 0.70 -19.30 3.32
N LEU B 540 -0.27 -19.98 2.74
CA LEU B 540 0.03 -20.83 1.60
C LEU B 540 -0.05 -20.04 0.29
N ASP B 541 -0.50 -18.81 0.39
CA ASP B 541 -0.58 -17.92 -0.78
C ASP B 541 0.81 -17.30 -0.97
N GLU B 542 1.59 -17.86 -1.89
CA GLU B 542 2.94 -17.37 -2.16
C GLU B 542 3.00 -15.86 -2.41
N THR B 543 2.16 -15.38 -3.33
CA THR B 543 2.12 -13.96 -3.69
C THR B 543 1.89 -13.11 -2.44
N LEU B 544 0.89 -13.49 -1.66
CA LEU B 544 0.59 -12.75 -0.44
C LEU B 544 1.80 -12.70 0.50
N MET B 545 2.35 -13.87 0.83
CA MET B 545 3.50 -13.96 1.72
C MET B 545 4.73 -13.25 1.19
N LYS B 546 5.01 -13.41 -0.11
CA LYS B 546 6.17 -12.74 -0.69
C LYS B 546 5.99 -11.23 -0.71
N THR B 547 4.78 -10.76 -0.97
CA THR B 547 4.53 -9.33 -0.98
C THR B 547 4.56 -8.81 0.46
N LEU B 548 4.14 -9.66 1.40
CA LEU B 548 4.16 -9.25 2.80
C LEU B 548 5.61 -9.00 3.19
N ASN B 549 6.47 -9.96 2.84
CA ASN B 549 7.88 -9.84 3.17
C ASN B 549 8.45 -8.54 2.63
N ALA B 550 8.13 -8.26 1.37
CA ALA B 550 8.64 -7.07 0.71
C ALA B 550 8.20 -5.82 1.44
N THR B 551 6.93 -5.80 1.85
CA THR B 551 6.36 -4.66 2.55
C THR B 551 7.08 -4.34 3.84
N LEU B 552 7.37 -5.37 4.65
CA LEU B 552 8.04 -5.17 5.92
C LEU B 552 9.48 -4.71 5.73
N VAL B 553 10.14 -5.20 4.69
CA VAL B 553 11.51 -4.80 4.38
C VAL B 553 11.48 -3.32 3.96
N ILE B 554 10.60 -2.99 3.02
CA ILE B 554 10.50 -1.61 2.53
C ILE B 554 10.21 -0.65 3.67
N LEU B 555 9.30 -1.05 4.57
CA LEU B 555 8.95 -0.21 5.71
C LEU B 555 9.96 -0.30 6.85
N GLU B 556 11.07 -0.98 6.60
CA GLU B 556 12.12 -1.10 7.61
C GLU B 556 11.63 -1.74 8.90
N LYS B 557 11.00 -2.89 8.78
CA LYS B 557 10.50 -3.61 9.93
C LYS B 557 11.05 -5.02 9.82
N LYS B 558 11.96 -5.21 8.86
CA LYS B 558 12.56 -6.51 8.61
C LYS B 558 13.83 -6.38 7.77
CD CD C . -14.04 24.67 -46.49
N HCS D . -10.25 29.36 -47.87
CA HCS D . -10.62 28.15 -48.64
CB HCS D . -11.11 27.06 -47.66
CG HCS D . -11.15 25.67 -48.30
SD HCS D . -11.52 24.34 -47.10
C HCS D . -11.70 28.52 -49.71
OXT HCS D . -11.64 27.92 -50.82
O HCS D . -12.57 29.36 -49.38
N1 C2F E . 12.78 7.82 -15.53
C2 C2F E . 12.55 8.51 -14.41
NA2 C2F E . 11.92 9.69 -14.46
N3 C2F E . 12.98 8.04 -13.22
C4 C2F E . 13.65 6.88 -13.15
O4 C2F E . 13.89 6.33 -11.93
C4A C2F E . 13.93 6.14 -14.29
N5 C2F E . 14.33 4.81 -14.13
C6 C2F E . 14.32 4.01 -15.37
C7 C2F E . 14.66 4.78 -16.65
N8 C2F E . 13.81 5.98 -16.72
C8A C2F E . 13.45 6.66 -15.50
C9 C2F E . 12.90 3.42 -15.43
N10 C2F E . 12.83 2.36 -16.46
C11 C2F E . 15.64 4.69 -13.42
C12 C2F E . 14.19 -1.48 -15.91
C13 C2F E . 13.64 -1.09 -17.12
C14 C2F E . 13.14 0.21 -17.27
C15 C2F E . 13.21 1.12 -16.22
C16 C2F E . 13.75 0.71 -15.01
C17 C2F E . 14.25 -0.58 -14.84
C C2F E . 14.78 -2.89 -15.78
O C2F E . 14.63 -3.55 -14.75
N C2F E . 15.45 -3.30 -16.85
CA C2F E . 16.10 -4.61 -17.01
CB C2F E . 16.87 -5.07 -15.77
CG C2F E . 18.20 -4.33 -15.57
CD C2F E . 18.98 -4.91 -14.39
OE1 C2F E . 18.85 -6.13 -14.15
OE2 C2F E . 19.70 -4.12 -13.74
CT C2F E . 15.06 -5.66 -17.38
O1 C2F E . 14.86 -5.85 -18.60
O2 C2F E . 14.48 -6.25 -16.44
CD CD F . 14.94 -31.34 43.91
N HCS G . 10.74 -31.19 48.14
CA HCS G . 11.35 -32.32 47.42
CB HCS G . 11.98 -31.81 46.09
CG HCS G . 12.29 -32.94 45.07
SD HCS G . 12.91 -32.37 43.42
C HCS G . 12.39 -32.99 48.32
OXT HCS G . 12.59 -34.20 48.15
O HCS G . 12.94 -32.27 49.20
N1 C2F H . -11.78 -14.16 12.85
C2 C2F H . -11.86 -12.85 13.17
NA2 C2F H . -11.33 -12.40 14.30
N3 C2F H . -12.47 -12.00 12.32
C4 C2F H . -12.99 -12.42 11.17
O4 C2F H . -13.48 -11.49 10.30
C4A C2F H . -12.92 -13.76 10.80
N5 C2F H . -13.17 -14.10 9.45
C6 C2F H . -12.91 -15.52 9.13
C7 C2F H . -13.13 -16.50 10.29
N8 C2F H . -12.38 -16.04 11.46
C8A C2F H . -12.30 -14.62 11.70
C9 C2F H . -11.45 -15.57 8.66
N10 C2F H . -11.03 -16.91 8.19
C11 C2F H . -14.53 -13.69 9.01
C12 C2F H . -11.53 -18.31 4.34
C13 C2F H . -10.90 -19.09 5.31
C14 C2F H . -10.71 -18.58 6.59
C15 C2F H . -11.14 -17.30 6.92
C16 C2F H . -11.76 -16.52 5.95
C17 C2F H . -11.96 -17.01 4.66
C C2F H . -11.81 -18.87 2.94
O C2F H . -12.06 -18.12 2.00
N C2F H . -11.74 -20.19 2.85
CA C2F H . -11.97 -20.97 1.62
CB C2F H . -13.26 -20.55 0.91
CG C2F H . -14.49 -20.85 1.76
CD C2F H . -15.77 -20.45 1.04
OE1 C2F H . -16.58 -19.72 1.67
OE2 C2F H . -15.93 -20.88 -0.12
CT C2F H . -10.79 -20.86 0.65
O1 C2F H . -10.06 -19.85 0.74
O2 C2F H . -10.65 -21.79 -0.17
#